data_7Q7Q
#
_entry.id   7Q7Q
#
_cell.length_a   84.660
_cell.length_b   125.130
_cell.length_c   182.380
_cell.angle_alpha   90.000
_cell.angle_beta   90.000
_cell.angle_gamma   90.000
#
_symmetry.space_group_name_H-M   'P 21 21 2'
#
loop_
_entity.id
_entity.type
_entity.pdbx_description
1 polymer 'Photosynthetic reaction center cytochrome c subunit'
2 polymer 'Reaction center protein H chain'
3 polymer 'Reaction center protein L chain'
4 polymer 'Reaction center protein M chain'
5 non-polymer 'HEME C'
6 non-polymer 'DIACYL GLYCEROL'
7 non-polymer 'LAURYL DIMETHYLAMINE-N-OXIDE'
8 non-polymer 'SULFATE ION'
9 non-polymer 'BACTERIOCHLOROPHYLL B'
10 non-polymer 'BACTERIOPHEOPHYTIN B'
11 non-polymer HEPTANE-1,2,3-TRIOL
12 non-polymer UBIQUINONE-2
13 non-polymer 'FE (II) ION'
14 non-polymer MENAQUINONE-9
15 non-polymer 15-cis-1,2-dihydroneurosporene
16 non-polymer '(2R)-2,3-dihydroxypropyl (9Z)-octadec-9-enoate'
17 water water
#
loop_
_entity_poly.entity_id
_entity_poly.type
_entity_poly.pdbx_seq_one_letter_code
_entity_poly.pdbx_strand_id
1 'polypeptide(L)'
;CFEPPPATTTQTGFRGLSMGEVLHPATVKAKKERDAQYPPALAAVKAEGPPVSQVYKNVKVLGNLTEAEFLRTMTAITEW
VSPQEGCTYCHDENNLASEAKYPYVVARRMLEMTRAINTNWTQHVAQTGVTCYTCHRGTPLPPYVRYLEPTLPLNNRETP
THVERVETRSGYVVRLAKYTAYSALNYDPFTMFLANDKRQVRVVPQTALPLVGVSRGKERRPLSDAYATFALMMSISDSL
GTNCTFCHNAQTFESWGKKSTPQRAIAWWGIRMVRDLNMNYLAPLNASLPASRLGRQGEAPQADCRTCHQGVTKPLFGAS
RLKDYPELGPIKAAAK
;
CCC
2 'polypeptide(L)'
;(FME)YHGALAQHLDIAQLVWYAQWLVIWTVVLLYLRREDRREGYPLVEPLGLVKLAPEDGQVYELPYPKTFVLPHGGTV
TVPRRRPETRELKLAQTDGFEGAPLQPTGNPLVDAVGPASYAERAEVVDATVDGKAKIVPLRVATDFSIAEGDVDPRGLP
VVAADGVEAGTVTDLWVDRSEHYFRYLELSVAGSARTALIPLGFCDVKKDKIVVTSILSEQFANVPRLQSRDQITLREED
KVSAYYAGGLLYATPERAESLL
;
HHH
3 'polypeptide(L)'
;ALLSFERKYRVRGGTLIGGDLFDFWVGPYFVGFFGVSAIFFIFLGVSLIGYAASQGPTWDPFAISINPPDLKYGLGAAPL
LEGGFWQAITVCALGAFISWMLREVEISRKLGIGWHVPLAFCVPIFMFCVLQVFRPLLLGSWGHAFPYGILSHLDWVNNF
GYQYLNWHYNPGHMSSVSFLFVNAMALGLHGGLILSVANPGDGDKVKTAEHENQYFRDVVGYSIGALSIHRLGLFLASNI
FLTGAFGTIASGPFWTRGWPEWWGWWLDIPFWS
;
LLL
4 'polypeptide(L)'
;ADYQTIYTQIQARGPHITVSGEWGDNDRVGKPFYSYWLGKIGDAQIGPIYLGASGIAAFAFGSTAILIILFNMAAEVHFD
PLQFFRQFFWLGLYPPKAQYGMGIPPLHDGGWWLMAGLFMTLSLGSWWIRVYSRARALGLGTHIAWNFAAAIFFVLCIGC
IHPTLVGSWSEGVPFGIWPHIDWLTAFSIRYGNFYYCPWHGFSIGFAYGCGLLFAAHGATILAVARFGGDREIEQITDRG
TAVERAALFWRWTIGFNATIESVHRWGWFFSLMVMVSASVGILLTGTFVDNWYLWCVKHGAAPDYPAYLPATPDPASLPG
APK
;
MMM
#
# COMPACT_ATOMS: atom_id res chain seq x y z
N CYS A 1 19.77 2.04 11.87
CA CYS A 1 19.54 2.15 10.41
C CYS A 1 18.80 3.47 10.08
N PHE A 2 18.85 4.49 10.97
CA PHE A 2 17.96 5.68 10.95
C PHE A 2 18.77 6.96 11.19
N GLU A 3 18.19 8.11 10.83
CA GLU A 3 18.80 9.48 10.93
C GLU A 3 17.93 10.32 11.86
N PRO A 4 18.46 10.79 13.01
CA PRO A 4 17.65 11.53 13.97
C PRO A 4 17.23 12.91 13.49
N PRO A 5 16.00 13.37 13.86
CA PRO A 5 15.54 14.72 13.50
C PRO A 5 16.31 15.78 14.26
N PRO A 6 16.16 17.09 13.95
CA PRO A 6 15.26 17.56 12.90
C PRO A 6 15.85 17.31 11.50
N ALA A 7 15.01 17.53 10.50
CA ALA A 7 15.35 17.52 9.06
C ALA A 7 15.16 18.93 8.51
N THR A 8 16.03 19.33 7.59
CA THR A 8 15.90 20.60 6.82
C THR A 8 15.05 20.30 5.59
N THR A 9 14.04 21.12 5.32
CA THR A 9 13.13 20.97 4.16
C THR A 9 13.03 22.30 3.43
N THR A 10 12.99 22.25 2.10
CA THR A 10 12.74 23.40 1.21
C THR A 10 11.49 23.10 0.39
N GLN A 11 10.99 24.11 -0.32
CA GLN A 11 9.78 24.03 -1.17
C GLN A 11 10.21 24.38 -2.58
N THR A 12 9.95 23.52 -3.57
CA THR A 12 10.32 23.75 -4.99
C THR A 12 9.06 23.77 -5.86
N GLY A 13 7.88 23.59 -5.26
CA GLY A 13 6.60 23.61 -6.00
C GLY A 13 5.51 24.30 -5.21
N PHE A 14 4.37 24.54 -5.86
CA PHE A 14 3.16 25.12 -5.23
C PHE A 14 2.85 24.36 -3.93
N ARG A 15 2.46 25.10 -2.88
CA ARG A 15 2.10 24.52 -1.55
C ARG A 15 1.13 23.35 -1.76
N GLY A 16 1.36 22.24 -1.06
CA GLY A 16 0.49 21.04 -1.14
C GLY A 16 0.91 20.02 -2.20
N LEU A 17 1.99 20.25 -2.99
CA LEU A 17 2.49 19.28 -4.00
C LEU A 17 3.59 18.38 -3.43
N SER A 18 3.99 18.55 -2.17
CA SER A 18 5.11 17.84 -1.50
C SER A 18 6.35 17.79 -2.40
N MET A 19 6.74 18.94 -2.96
CA MET A 19 7.97 19.12 -3.78
C MET A 19 9.02 19.88 -2.96
N GLY A 20 10.25 19.37 -2.87
CA GLY A 20 11.36 20.09 -2.25
C GLY A 20 12.43 19.15 -1.72
N GLU A 21 13.48 19.69 -1.12
CA GLU A 21 14.65 18.91 -0.63
C GLU A 21 14.37 18.46 0.78
N VAL A 22 15.02 17.36 1.16
CA VAL A 22 14.99 16.75 2.51
C VAL A 22 16.45 16.44 2.84
N LEU A 23 17.00 17.10 3.85
CA LEU A 23 18.45 17.05 4.15
C LEU A 23 18.64 16.76 5.64
N HIS A 24 19.54 15.83 5.97
CA HIS A 24 20.09 15.59 7.32
C HIS A 24 21.20 16.61 7.60
N PRO A 25 21.02 17.57 8.54
CA PRO A 25 22.05 18.58 8.86
C PRO A 25 23.49 18.09 9.08
N ALA A 26 23.70 16.98 9.79
CA ALA A 26 25.04 16.35 9.97
C ALA A 26 25.71 16.04 8.62
N THR A 27 24.95 15.52 7.65
CA THR A 27 25.46 15.15 6.31
C THR A 27 25.85 16.41 5.53
N VAL A 28 25.00 17.45 5.56
CA VAL A 28 25.27 18.74 4.87
C VAL A 28 26.54 19.33 5.51
N LYS A 29 26.66 19.26 6.83
CA LYS A 29 27.80 19.81 7.61
C LYS A 29 29.10 19.10 7.16
N ALA A 30 29.13 17.78 7.09
CA ALA A 30 30.34 16.99 6.71
C ALA A 30 30.78 17.36 5.28
N LYS A 31 29.84 17.55 4.35
CA LYS A 31 30.16 17.90 2.95
C LYS A 31 30.71 19.34 2.89
N LYS A 32 30.15 20.21 3.72
CA LYS A 32 30.56 21.64 3.83
C LYS A 32 32.02 21.69 4.32
N GLU A 33 32.39 20.83 5.29
CA GLU A 33 33.76 20.80 5.87
C GLU A 33 34.73 20.29 4.80
N ARG A 34 34.39 19.18 4.11
CA ARG A 34 35.16 18.63 2.96
C ARG A 34 35.43 19.74 1.94
N ASP A 35 34.41 20.51 1.56
CA ASP A 35 34.48 21.50 0.44
C ASP A 35 35.07 22.83 0.91
N ALA A 36 35.21 23.04 2.22
CA ALA A 36 35.80 24.28 2.79
C ALA A 36 37.33 24.23 2.61
N GLN A 37 37.89 23.05 2.33
CA GLN A 37 39.33 22.84 2.02
C GLN A 37 39.74 23.52 0.71
N TYR A 38 38.82 23.90 -0.16
CA TYR A 38 39.12 24.70 -1.38
C TYR A 38 40.14 25.76 -0.97
N PRO A 39 41.42 25.67 -1.42
CA PRO A 39 42.39 26.71 -1.09
C PRO A 39 41.89 28.11 -1.43
N PRO A 40 42.29 29.13 -0.63
CA PRO A 40 41.96 30.52 -0.97
C PRO A 40 42.69 30.94 -2.25
N ALA A 41 42.14 31.92 -2.98
CA ALA A 41 42.82 32.59 -4.11
C ALA A 41 44.16 33.16 -3.64
N LEU A 42 45.16 33.16 -4.51
CA LEU A 42 46.47 33.78 -4.21
C LEU A 42 46.33 35.27 -4.48
N ALA A 43 47.03 36.11 -3.72
CA ALA A 43 47.04 37.59 -3.84
C ALA A 43 47.14 37.98 -5.32
N ALA A 44 46.34 38.96 -5.76
CA ALA A 44 46.38 39.49 -7.13
C ALA A 44 47.77 40.12 -7.36
N VAL A 45 48.20 40.18 -8.62
CA VAL A 45 49.50 40.78 -9.02
C VAL A 45 49.25 41.73 -10.19
N LYS A 46 49.98 42.86 -10.18
CA LYS A 46 49.97 43.90 -11.25
C LYS A 46 50.50 43.25 -12.53
N ALA A 47 49.86 43.48 -13.68
CA ALA A 47 50.30 43.03 -15.03
C ALA A 47 51.49 43.86 -15.49
N GLU A 48 52.65 43.69 -14.84
CA GLU A 48 53.93 44.39 -15.12
C GLU A 48 54.77 43.51 -16.08
N GLY A 49 55.11 44.03 -17.25
CA GLY A 49 56.10 43.40 -18.16
C GLY A 49 55.47 42.99 -19.48
N PRO A 50 56.25 42.31 -20.36
CA PRO A 50 55.71 41.75 -21.61
C PRO A 50 55.03 40.38 -21.50
N PRO A 51 54.24 39.97 -22.52
CA PRO A 51 53.59 38.65 -22.52
C PRO A 51 54.61 37.50 -22.54
N VAL A 52 54.38 36.42 -21.78
CA VAL A 52 55.30 35.24 -21.68
C VAL A 52 55.47 34.58 -23.06
N SER A 53 54.60 34.86 -24.04
CA SER A 53 54.69 34.31 -25.41
C SER A 53 56.01 34.72 -26.09
N GLN A 54 56.76 35.67 -25.50
CA GLN A 54 58.04 36.18 -26.03
C GLN A 54 59.01 36.37 -24.86
N VAL A 55 58.90 35.50 -23.86
CA VAL A 55 59.86 35.36 -22.72
C VAL A 55 60.20 33.87 -22.61
N TYR A 56 59.18 33.05 -22.39
CA TYR A 56 59.25 31.57 -22.29
C TYR A 56 59.13 30.99 -23.70
N LYS A 57 59.40 29.70 -23.88
CA LYS A 57 59.65 29.04 -25.19
C LYS A 57 58.48 28.12 -25.61
N ASN A 58 57.69 27.60 -24.66
CA ASN A 58 56.69 26.55 -24.98
C ASN A 58 55.39 26.84 -24.22
N VAL A 59 54.79 28.02 -24.46
CA VAL A 59 53.47 28.46 -23.91
C VAL A 59 52.50 28.56 -25.09
N LYS A 60 51.55 27.64 -25.20
CA LYS A 60 50.61 27.59 -26.34
C LYS A 60 49.21 28.08 -25.90
N VAL A 61 48.94 28.19 -24.60
CA VAL A 61 47.56 28.47 -24.13
C VAL A 61 47.56 29.81 -23.37
N LEU A 62 48.42 29.95 -22.35
CA LEU A 62 48.49 31.12 -21.44
C LEU A 62 49.49 32.19 -21.93
N GLY A 63 49.69 32.35 -23.25
CA GLY A 63 50.71 33.24 -23.86
C GLY A 63 50.47 34.72 -23.58
N ASN A 64 49.24 35.13 -23.29
CA ASN A 64 48.83 36.55 -23.04
C ASN A 64 49.27 37.00 -21.65
N LEU A 65 49.51 36.08 -20.73
CA LEU A 65 49.81 36.46 -19.32
C LEU A 65 51.22 37.03 -19.26
N THR A 66 51.47 37.90 -18.29
CA THR A 66 52.80 38.45 -17.92
C THR A 66 53.46 37.44 -16.97
N GLU A 67 54.77 37.53 -16.82
CA GLU A 67 55.58 36.54 -16.04
C GLU A 67 54.96 36.36 -14.65
N ALA A 68 54.56 37.45 -13.98
CA ALA A 68 54.11 37.41 -12.57
C ALA A 68 52.76 36.69 -12.48
N GLU A 69 51.84 36.98 -13.42
CA GLU A 69 50.50 36.34 -13.57
C GLU A 69 50.68 34.83 -13.86
N PHE A 70 51.49 34.49 -14.85
CA PHE A 70 51.72 33.10 -15.35
C PHE A 70 52.25 32.22 -14.19
N LEU A 71 53.26 32.69 -13.48
CA LEU A 71 53.84 32.00 -12.30
C LEU A 71 52.75 31.82 -11.23
N ARG A 72 51.79 32.74 -11.16
CA ARG A 72 50.64 32.67 -10.22
C ARG A 72 49.71 31.53 -10.66
N THR A 73 49.36 31.46 -11.94
CA THR A 73 48.59 30.34 -12.52
C THR A 73 49.28 29.02 -12.17
N MET A 74 50.61 28.95 -12.29
CA MET A 74 51.37 27.70 -12.11
C MET A 74 51.36 27.29 -10.64
N THR A 75 51.44 28.24 -9.72
CA THR A 75 51.39 27.98 -8.26
C THR A 75 50.00 27.48 -7.86
N ALA A 76 48.92 28.05 -8.43
CA ALA A 76 47.52 27.63 -8.19
C ALA A 76 47.31 26.21 -8.71
N ILE A 77 47.60 26.00 -9.99
CA ILE A 77 47.52 24.68 -10.69
C ILE A 77 48.20 23.63 -9.83
N THR A 78 49.38 23.94 -9.25
CA THR A 78 50.18 23.02 -8.41
C THR A 78 49.44 22.69 -7.11
N GLU A 79 48.87 23.69 -6.42
CA GLU A 79 48.07 23.47 -5.18
C GLU A 79 46.86 22.59 -5.49
N TRP A 80 46.22 22.83 -6.62
CA TRP A 80 44.92 22.23 -6.99
C TRP A 80 45.06 20.75 -7.37
N VAL A 81 46.21 20.34 -7.92
CA VAL A 81 46.38 19.08 -8.70
C VAL A 81 47.51 18.19 -8.13
N SER A 82 48.65 18.75 -7.73
CA SER A 82 49.83 17.97 -7.27
C SER A 82 50.60 18.70 -6.17
N PRO A 83 49.98 19.03 -5.02
CA PRO A 83 50.66 19.83 -4.00
C PRO A 83 51.83 19.08 -3.36
N GLN A 84 51.78 17.74 -3.33
CA GLN A 84 52.81 16.89 -2.68
C GLN A 84 54.07 16.81 -3.56
N GLU A 85 53.93 16.51 -4.86
CA GLU A 85 55.06 16.30 -5.81
C GLU A 85 55.62 17.65 -6.29
N GLY A 86 54.82 18.71 -6.29
CA GLY A 86 55.21 20.08 -6.68
C GLY A 86 55.39 20.24 -8.18
N CYS A 87 56.10 21.30 -8.58
CA CYS A 87 56.33 21.68 -10.00
C CYS A 87 56.87 20.50 -10.82
N THR A 88 57.63 19.58 -10.20
CA THR A 88 58.35 18.50 -10.94
C THR A 88 57.39 17.36 -11.30
N TYR A 89 56.12 17.40 -10.86
CA TYR A 89 55.09 16.44 -11.32
C TYR A 89 54.97 16.55 -12.85
N CYS A 90 55.09 17.76 -13.38
CA CYS A 90 54.87 18.07 -14.82
C CYS A 90 56.18 18.47 -15.52
N HIS A 91 57.21 18.85 -14.78
CA HIS A 91 58.39 19.55 -15.35
C HIS A 91 59.68 18.77 -15.09
N ASP A 92 60.55 18.76 -16.09
CA ASP A 92 62.00 18.50 -15.94
C ASP A 92 62.64 19.79 -15.42
N GLU A 93 63.34 19.75 -14.29
CA GLU A 93 64.03 20.96 -13.72
C GLU A 93 65.08 21.49 -14.70
N ASN A 94 65.71 20.65 -15.54
CA ASN A 94 66.84 21.02 -16.43
CA ASN A 94 66.85 21.10 -16.38
C ASN A 94 66.31 21.79 -17.65
N ASN A 95 65.00 21.76 -17.88
CA ASN A 95 64.37 22.38 -19.08
C ASN A 95 62.85 22.51 -18.88
N LEU A 96 62.39 23.68 -18.43
CA LEU A 96 60.97 23.93 -18.06
C LEU A 96 60.08 23.88 -19.31
N ALA A 97 60.65 23.89 -20.52
CA ALA A 97 59.94 23.77 -21.81
C ALA A 97 59.82 22.31 -22.28
N SER A 98 60.39 21.34 -21.55
CA SER A 98 60.35 19.91 -21.93
C SER A 98 58.96 19.30 -21.68
N GLU A 99 58.42 18.62 -22.69
CA GLU A 99 57.17 17.81 -22.61
C GLU A 99 57.48 16.34 -22.29
N ALA A 100 58.55 16.06 -21.54
CA ALA A 100 59.11 14.69 -21.34
C ALA A 100 58.27 13.91 -20.31
N LYS A 101 57.63 14.58 -19.36
CA LYS A 101 56.78 13.92 -18.34
C LYS A 101 55.32 13.92 -18.82
N TYR A 102 54.63 12.78 -18.70
CA TYR A 102 53.27 12.58 -19.29
C TYR A 102 52.29 13.62 -18.74
N PRO A 103 52.32 13.99 -17.43
CA PRO A 103 51.34 14.95 -16.92
C PRO A 103 51.35 16.32 -17.62
N TYR A 104 52.45 16.67 -18.30
CA TYR A 104 52.62 18.00 -18.95
C TYR A 104 51.62 18.14 -20.09
N VAL A 105 51.62 17.20 -21.02
CA VAL A 105 50.77 17.28 -22.25
C VAL A 105 49.30 17.21 -21.79
N VAL A 106 49.01 16.37 -20.79
CA VAL A 106 47.65 16.22 -20.23
C VAL A 106 47.23 17.56 -19.59
N ALA A 107 48.11 18.20 -18.81
CA ALA A 107 47.83 19.49 -18.14
C ALA A 107 47.47 20.55 -19.17
N ARG A 108 48.12 20.54 -20.33
CA ARG A 108 47.86 21.55 -21.38
C ARG A 108 46.43 21.34 -21.89
N ARG A 109 46.08 20.09 -22.20
CA ARG A 109 44.73 19.72 -22.69
C ARG A 109 43.70 20.09 -21.62
N MET A 110 44.05 19.94 -20.34
CA MET A 110 43.17 20.25 -19.19
C MET A 110 42.94 21.77 -19.08
N LEU A 111 43.97 22.60 -19.33
CA LEU A 111 43.80 24.08 -19.40
C LEU A 111 42.81 24.40 -20.52
N GLU A 112 43.01 23.84 -21.71
CA GLU A 112 42.06 24.05 -22.84
C GLU A 112 40.64 23.69 -22.39
N MET A 113 40.47 22.55 -21.72
CA MET A 113 39.16 21.97 -21.33
C MET A 113 38.50 22.88 -20.31
N THR A 114 39.23 23.30 -19.27
CA THR A 114 38.75 24.17 -18.19
C THR A 114 38.26 25.52 -18.74
N ARG A 115 39.00 26.08 -19.72
CA ARG A 115 38.65 27.36 -20.40
C ARG A 115 37.40 27.18 -21.27
N ALA A 116 37.23 26.01 -21.89
CA ALA A 116 36.04 25.65 -22.69
C ALA A 116 34.80 25.48 -21.78
N ILE A 117 34.94 24.94 -20.58
CA ILE A 117 33.79 24.83 -19.63
C ILE A 117 33.31 26.25 -19.33
N ASN A 118 34.24 27.14 -18.96
CA ASN A 118 33.98 28.48 -18.38
C ASN A 118 33.53 29.46 -19.49
N THR A 119 33.71 29.10 -20.76
CA THR A 119 33.41 29.95 -21.93
C THR A 119 32.18 29.41 -22.68
N ASN A 120 32.18 28.12 -23.00
CA ASN A 120 31.17 27.52 -23.92
C ASN A 120 30.00 26.89 -23.17
N TRP A 121 30.10 26.71 -21.85
CA TRP A 121 29.07 25.97 -21.07
C TRP A 121 28.62 26.83 -19.88
N THR A 122 28.51 28.14 -20.10
CA THR A 122 27.98 29.13 -19.12
C THR A 122 26.53 28.81 -18.77
N GLN A 123 25.76 28.29 -19.73
CA GLN A 123 24.38 27.77 -19.53
C GLN A 123 24.37 26.76 -18.37
N HIS A 124 25.49 26.08 -18.07
CA HIS A 124 25.59 25.15 -16.93
C HIS A 124 26.36 25.76 -15.74
N VAL A 125 27.55 26.30 -15.96
CA VAL A 125 28.44 26.68 -14.82
C VAL A 125 28.19 28.15 -14.44
N ALA A 126 27.49 28.90 -15.30
CA ALA A 126 27.11 30.32 -15.06
C ALA A 126 28.37 31.14 -14.71
N GLN A 127 28.36 31.91 -13.63
CA GLN A 127 29.49 32.79 -13.22
C GLN A 127 30.21 32.18 -12.02
N THR A 128 29.81 30.99 -11.59
CA THR A 128 30.53 30.18 -10.59
C THR A 128 31.80 29.60 -11.23
N GLY A 129 31.66 29.01 -12.41
CA GLY A 129 32.73 28.35 -13.17
C GLY A 129 33.39 27.20 -12.42
N VAL A 130 34.46 26.67 -13.01
CA VAL A 130 35.27 25.58 -12.41
C VAL A 130 36.75 25.98 -12.48
N THR A 131 37.51 25.44 -11.55
CA THR A 131 38.99 25.39 -11.57
C THR A 131 39.39 23.92 -11.65
N CYS A 132 40.69 23.67 -11.71
CA CYS A 132 41.27 22.32 -11.62
C CYS A 132 40.70 21.64 -10.36
N TYR A 133 40.55 22.41 -9.27
CA TYR A 133 40.21 21.86 -7.93
C TYR A 133 38.82 21.22 -7.94
N THR A 134 37.87 21.80 -8.67
CA THR A 134 36.47 21.33 -8.73
C THR A 134 36.46 19.81 -8.87
N CYS A 135 37.22 19.28 -9.83
CA CYS A 135 37.34 17.83 -10.14
C CYS A 135 38.45 17.20 -9.30
N HIS A 136 39.64 17.79 -9.29
CA HIS A 136 40.89 17.11 -8.79
C HIS A 136 40.93 17.06 -7.26
N ARG A 137 40.48 18.11 -6.55
CA ARG A 137 40.48 18.15 -5.06
C ARG A 137 41.87 17.79 -4.52
N GLY A 138 42.94 18.33 -5.12
CA GLY A 138 44.32 18.26 -4.58
C GLY A 138 45.06 16.96 -4.86
N THR A 139 44.61 16.13 -5.81
CA THR A 139 45.30 14.89 -6.24
C THR A 139 45.30 14.79 -7.75
N PRO A 140 46.39 14.27 -8.36
CA PRO A 140 46.45 14.09 -9.81
C PRO A 140 45.26 13.27 -10.34
N LEU A 141 44.91 12.16 -9.69
CA LEU A 141 43.70 11.36 -10.00
C LEU A 141 42.52 12.00 -9.29
N PRO A 142 41.47 12.48 -10.02
CA PRO A 142 40.26 12.96 -9.37
C PRO A 142 39.57 11.82 -8.64
N PRO A 143 39.04 12.02 -7.41
CA PRO A 143 38.46 10.93 -6.62
C PRO A 143 37.20 10.26 -7.20
N TYR A 144 36.45 10.95 -8.05
CA TYR A 144 35.18 10.44 -8.64
C TYR A 144 35.27 10.49 -10.17
N VAL A 145 35.63 9.35 -10.77
CA VAL A 145 35.74 9.18 -12.24
C VAL A 145 34.97 7.92 -12.62
N ARG A 146 34.68 7.74 -13.91
CA ARG A 146 33.95 6.59 -14.47
CA ARG A 146 33.98 6.53 -14.41
C ARG A 146 34.81 5.90 -15.53
N TYR A 147 34.86 4.56 -15.53
CA TYR A 147 35.40 3.69 -16.59
C TYR A 147 34.18 3.21 -17.41
N LEU A 148 34.37 2.38 -18.45
CA LEU A 148 33.27 1.90 -19.31
C LEU A 148 32.54 0.73 -18.63
N GLU A 149 32.89 0.41 -17.40
CA GLU A 149 32.12 -0.52 -16.55
C GLU A 149 32.08 0.06 -15.14
N PRO A 150 31.03 -0.26 -14.34
CA PRO A 150 30.91 0.27 -12.99
C PRO A 150 32.05 -0.23 -12.10
N THR A 151 32.57 0.65 -11.24
CA THR A 151 33.66 0.34 -10.28
C THR A 151 33.24 0.78 -8.88
N LEU A 152 33.73 0.09 -7.87
CA LEU A 152 33.60 0.49 -6.44
C LEU A 152 35.00 0.48 -5.81
N PRO A 153 35.26 1.29 -4.76
CA PRO A 153 34.30 2.30 -4.30
C PRO A 153 34.13 3.47 -5.29
N LEU A 154 33.09 4.29 -5.11
CA LEU A 154 32.85 5.47 -5.96
C LEU A 154 34.05 6.41 -5.83
N ASN A 155 34.53 6.58 -4.59
CA ASN A 155 35.74 7.37 -4.24
C ASN A 155 36.97 6.47 -4.40
N ASN A 156 37.83 6.76 -5.37
CA ASN A 156 38.98 5.87 -5.70
C ASN A 156 40.12 6.05 -4.69
N ARG A 157 39.99 6.94 -3.71
CA ARG A 157 40.94 7.09 -2.55
C ARG A 157 40.68 6.03 -1.48
N GLU A 158 39.53 5.37 -1.52
CA GLU A 158 39.14 4.28 -0.59
C GLU A 158 39.63 2.95 -1.20
N THR A 159 39.97 1.99 -0.35
CA THR A 159 40.55 0.68 -0.77
C THR A 159 39.39 -0.26 -1.11
N PRO A 160 39.40 -0.93 -2.28
CA PRO A 160 38.36 -1.89 -2.61
C PRO A 160 38.47 -3.18 -1.76
N THR A 161 37.33 -3.80 -1.45
CA THR A 161 37.23 -5.20 -0.96
C THR A 161 37.49 -6.13 -2.14
N HIS A 162 37.70 -7.42 -1.86
CA HIS A 162 37.82 -8.48 -2.89
C HIS A 162 36.60 -8.39 -3.82
N VAL A 163 35.39 -8.25 -3.27
CA VAL A 163 34.12 -8.35 -4.07
C VAL A 163 33.88 -7.06 -4.87
N GLU A 164 34.37 -5.91 -4.38
CA GLU A 164 34.27 -4.60 -5.09
C GLU A 164 35.13 -4.59 -6.36
N ARG A 165 36.31 -5.25 -6.33
CA ARG A 165 37.27 -5.29 -7.47
C ARG A 165 36.53 -5.71 -8.73
N VAL A 166 36.77 -5.02 -9.85
CA VAL A 166 36.03 -5.20 -11.13
C VAL A 166 36.22 -6.64 -11.64
N GLU A 167 37.28 -7.32 -11.20
CA GLU A 167 37.68 -8.69 -11.66
C GLU A 167 36.75 -9.75 -11.05
N THR A 168 36.25 -9.52 -9.82
CA THR A 168 35.30 -10.42 -9.11
C THR A 168 33.90 -10.31 -9.75
N ARG A 169 33.55 -11.25 -10.61
CA ARG A 169 32.28 -11.25 -11.40
C ARG A 169 31.07 -11.23 -10.45
N SER A 170 31.21 -11.78 -9.24
CA SER A 170 30.08 -11.96 -8.28
C SER A 170 29.59 -10.63 -7.68
N GLY A 171 30.42 -9.58 -7.73
CA GLY A 171 30.10 -8.24 -7.18
C GLY A 171 29.49 -7.29 -8.20
N TYR A 172 29.24 -7.73 -9.43
CA TYR A 172 28.76 -6.85 -10.53
C TYR A 172 27.44 -6.16 -10.14
N VAL A 173 26.45 -6.91 -9.66
CA VAL A 173 25.10 -6.39 -9.32
C VAL A 173 25.23 -5.28 -8.27
N VAL A 174 26.21 -5.37 -7.38
CA VAL A 174 26.38 -4.39 -6.27
C VAL A 174 27.10 -3.13 -6.80
N ARG A 175 28.01 -3.30 -7.76
CA ARG A 175 28.73 -2.18 -8.44
C ARG A 175 27.69 -1.33 -9.19
N LEU A 176 26.78 -1.97 -9.91
CA LEU A 176 25.63 -1.35 -10.61
C LEU A 176 24.70 -0.65 -9.60
N ALA A 177 24.34 -1.33 -8.51
CA ALA A 177 23.35 -0.86 -7.51
C ALA A 177 23.83 0.44 -6.85
N LYS A 178 25.10 0.46 -6.44
CA LYS A 178 25.67 1.62 -5.70
C LYS A 178 25.92 2.80 -6.64
N TYR A 179 25.84 2.62 -7.96
CA TYR A 179 25.84 3.74 -8.94
C TYR A 179 24.41 4.26 -9.22
N THR A 180 23.38 3.52 -8.82
CA THR A 180 21.96 3.86 -9.11
C THR A 180 21.19 4.01 -7.80
N ALA A 181 21.87 4.46 -6.75
CA ALA A 181 21.30 4.80 -5.43
C ALA A 181 20.67 3.55 -4.80
N TYR A 182 21.32 2.39 -4.98
CA TYR A 182 20.99 1.09 -4.36
C TYR A 182 19.79 0.43 -5.04
N SER A 183 19.31 0.95 -6.17
CA SER A 183 18.24 0.30 -6.96
C SER A 183 18.74 -1.05 -7.50
N ALA A 184 17.82 -1.88 -7.97
CA ALA A 184 18.14 -3.14 -8.68
C ALA A 184 18.09 -2.92 -10.20
N LEU A 185 17.99 -1.69 -10.68
CA LEU A 185 17.84 -1.42 -12.14
C LEU A 185 19.09 -1.95 -12.85
N ASN A 186 18.90 -2.72 -13.92
CA ASN A 186 19.96 -3.60 -14.51
C ASN A 186 20.61 -2.89 -15.71
N TYR A 187 21.01 -1.63 -15.54
CA TYR A 187 21.51 -0.73 -16.60
C TYR A 187 22.57 0.20 -16.01
N ASP A 188 23.63 0.40 -16.79
CA ASP A 188 24.74 1.35 -16.52
C ASP A 188 24.43 2.66 -17.23
N PRO A 189 23.88 3.68 -16.52
CA PRO A 189 23.50 4.92 -17.18
C PRO A 189 24.71 5.76 -17.63
N PHE A 190 25.89 5.53 -17.06
CA PHE A 190 27.11 6.26 -17.53
C PHE A 190 27.37 5.88 -18.99
N THR A 191 27.64 4.60 -19.23
CA THR A 191 27.98 4.05 -20.57
C THR A 191 26.82 4.34 -21.54
N MET A 192 25.57 4.25 -21.07
CA MET A 192 24.40 4.41 -21.97
C MET A 192 24.16 5.87 -22.33
N PHE A 193 24.41 6.85 -21.44
CA PHE A 193 23.92 8.25 -21.64
C PHE A 193 25.01 9.31 -21.56
N LEU A 194 26.09 9.11 -20.81
CA LEU A 194 27.06 10.18 -20.43
C LEU A 194 28.39 10.07 -21.19
N ALA A 195 28.72 8.88 -21.71
CA ALA A 195 29.99 8.58 -22.42
C ALA A 195 29.96 9.22 -23.82
N ASN A 196 28.77 9.33 -24.41
CA ASN A 196 28.57 9.87 -25.78
C ASN A 196 27.10 10.28 -25.97
N ASP A 197 26.72 10.63 -27.20
CA ASP A 197 25.44 11.28 -27.54
C ASP A 197 24.57 10.36 -28.41
N LYS A 198 24.77 9.04 -28.31
CA LYS A 198 24.08 8.05 -29.18
C LYS A 198 22.62 7.86 -28.74
N ARG A 199 22.33 7.89 -27.44
CA ARG A 199 21.00 7.53 -26.88
C ARG A 199 20.23 8.78 -26.42
N GLN A 200 18.91 8.75 -26.57
CA GLN A 200 17.98 9.82 -26.13
C GLN A 200 17.50 9.45 -24.71
N VAL A 201 17.54 10.40 -23.78
CA VAL A 201 17.06 10.20 -22.38
C VAL A 201 15.52 10.16 -22.35
N ARG A 202 14.86 10.92 -23.23
CA ARG A 202 13.38 11.01 -23.25
C ARG A 202 12.77 9.70 -23.77
N VAL A 203 11.73 9.20 -23.09
CA VAL A 203 11.05 7.90 -23.40
C VAL A 203 9.52 8.09 -23.45
N VAL A 204 9.01 9.15 -22.85
CA VAL A 204 7.54 9.26 -22.63
C VAL A 204 6.97 9.92 -23.87
N PRO A 205 5.96 9.31 -24.52
CA PRO A 205 5.31 9.90 -25.68
C PRO A 205 4.69 11.26 -25.34
N GLN A 206 4.65 12.15 -26.32
CA GLN A 206 4.15 13.54 -26.20
C GLN A 206 2.77 13.60 -26.85
N THR A 207 2.13 12.44 -27.09
CA THR A 207 0.72 12.33 -27.54
C THR A 207 -0.07 11.49 -26.54
N ALA A 208 -1.35 11.81 -26.36
CA ALA A 208 -2.33 11.04 -25.57
C ALA A 208 -2.47 9.63 -26.18
N LEU A 209 -2.64 9.54 -27.49
CA LEU A 209 -2.96 8.28 -28.21
C LEU A 209 -1.69 7.77 -28.88
N PRO A 210 -1.54 6.44 -29.10
CA PRO A 210 -0.35 5.89 -29.77
C PRO A 210 -0.33 6.28 -31.24
N LEU A 211 0.77 6.91 -31.67
CA LEU A 211 1.01 7.27 -33.08
C LEU A 211 1.17 5.99 -33.90
N VAL A 212 0.47 5.88 -35.02
CA VAL A 212 0.62 4.74 -35.98
C VAL A 212 2.02 4.83 -36.64
N GLY A 213 2.76 3.72 -36.63
CA GLY A 213 4.09 3.59 -37.23
C GLY A 213 5.24 3.62 -36.23
N VAL A 214 4.99 3.79 -34.91
CA VAL A 214 6.05 3.70 -33.86
C VAL A 214 5.56 2.91 -32.63
N SER A 215 4.43 2.21 -32.74
CA SER A 215 3.65 1.73 -31.57
C SER A 215 3.38 0.22 -31.60
N ARG A 216 3.88 -0.53 -32.60
CA ARG A 216 3.67 -2.00 -32.71
C ARG A 216 4.99 -2.71 -33.07
N GLY A 217 5.26 -3.87 -32.47
CA GLY A 217 6.41 -4.74 -32.79
C GLY A 217 7.74 -3.99 -32.79
N LYS A 218 8.54 -4.20 -33.84
CA LYS A 218 9.97 -3.81 -33.91
C LYS A 218 10.13 -2.28 -34.13
N GLU A 219 9.05 -1.55 -34.37
CA GLU A 219 9.09 -0.06 -34.54
C GLU A 219 9.05 0.62 -33.15
N ARG A 220 8.64 -0.11 -32.11
CA ARG A 220 8.60 0.40 -30.71
C ARG A 220 9.98 0.33 -30.10
N ARG A 221 10.35 1.35 -29.33
CA ARG A 221 11.46 1.24 -28.35
C ARG A 221 11.04 0.24 -27.28
N PRO A 222 11.98 -0.62 -26.83
CA PRO A 222 11.66 -1.60 -25.79
C PRO A 222 11.49 -0.88 -24.45
N LEU A 223 10.80 -1.52 -23.49
CA LEU A 223 10.53 -0.92 -22.16
C LEU A 223 11.85 -0.66 -21.42
N SER A 224 12.91 -1.41 -21.76
CA SER A 224 14.28 -1.28 -21.19
C SER A 224 14.76 0.17 -21.22
N ASP A 225 14.35 0.96 -22.23
CA ASP A 225 14.67 2.42 -22.32
C ASP A 225 14.10 3.16 -21.10
N ALA A 226 12.88 2.83 -20.64
CA ALA A 226 12.23 3.52 -19.52
C ALA A 226 13.04 3.23 -18.26
N TYR A 227 13.43 1.97 -18.11
CA TYR A 227 14.22 1.49 -16.95
C TYR A 227 15.55 2.24 -16.92
N ALA A 228 16.17 2.40 -18.09
CA ALA A 228 17.52 2.98 -18.25
C ALA A 228 17.49 4.47 -17.89
N THR A 229 16.49 5.19 -18.42
CA THR A 229 16.23 6.62 -18.06
C THR A 229 16.04 6.73 -16.55
N PHE A 230 15.27 5.82 -15.96
CA PHE A 230 14.99 5.78 -14.51
C PHE A 230 16.33 5.64 -13.78
N ALA A 231 17.21 4.77 -14.27
CA ALA A 231 18.54 4.50 -13.66
C ALA A 231 19.42 5.74 -13.75
N LEU A 232 19.40 6.44 -14.88
CA LEU A 232 20.15 7.72 -15.04
C LEU A 232 19.65 8.71 -13.98
N MET A 233 18.34 8.78 -13.79
CA MET A 233 17.71 9.76 -12.85
C MET A 233 18.04 9.39 -11.41
N MET A 234 18.11 8.10 -11.08
CA MET A 234 18.57 7.64 -9.73
C MET A 234 20.02 8.09 -9.55
N SER A 235 20.87 7.88 -10.55
CA SER A 235 22.32 8.22 -10.53
C SER A 235 22.53 9.74 -10.33
N ILE A 236 21.92 10.56 -11.19
CA ILE A 236 21.94 12.05 -11.17
C ILE A 236 21.49 12.55 -9.78
N SER A 237 20.42 11.98 -9.24
CA SER A 237 19.85 12.35 -7.90
C SER A 237 20.92 12.17 -6.81
N ASP A 238 21.52 10.99 -6.73
CA ASP A 238 22.52 10.65 -5.69
C ASP A 238 23.78 11.49 -5.89
N SER A 239 24.21 11.71 -7.14
CA SER A 239 25.40 12.52 -7.50
C SER A 239 25.28 13.95 -6.95
N LEU A 240 24.06 14.52 -6.95
CA LEU A 240 23.77 15.92 -6.49
C LEU A 240 23.27 15.91 -5.05
N GLY A 241 23.09 14.74 -4.43
CA GLY A 241 22.50 14.62 -3.08
C GLY A 241 21.12 15.27 -3.00
N THR A 242 20.25 14.97 -3.95
CA THR A 242 18.88 15.52 -4.01
C THR A 242 17.89 14.42 -4.44
N ASN A 243 16.65 14.82 -4.75
CA ASN A 243 15.53 13.91 -5.08
C ASN A 243 14.86 14.45 -6.33
N CYS A 244 13.93 13.70 -6.92
CA CYS A 244 13.29 13.99 -8.23
C CYS A 244 12.62 15.38 -8.20
N THR A 245 12.10 15.81 -7.04
CA THR A 245 11.24 17.02 -6.92
C THR A 245 12.08 18.30 -6.96
N PHE A 246 13.41 18.19 -6.92
CA PHE A 246 14.34 19.32 -7.15
C PHE A 246 14.20 19.82 -8.60
N CYS A 247 13.81 18.94 -9.53
CA CYS A 247 13.81 19.25 -10.98
C CYS A 247 12.41 19.06 -11.59
N HIS A 248 11.58 18.16 -11.04
CA HIS A 248 10.31 17.72 -11.66
C HIS A 248 9.12 17.88 -10.71
N ASN A 249 7.97 18.18 -11.27
CA ASN A 249 6.66 17.79 -10.69
C ASN A 249 6.33 16.40 -11.25
N ALA A 250 6.31 15.37 -10.39
CA ALA A 250 6.15 13.96 -10.79
C ALA A 250 4.78 13.76 -11.44
N GLN A 251 3.87 14.70 -11.29
CA GLN A 251 2.61 14.70 -12.07
C GLN A 251 2.91 14.34 -13.52
N THR A 252 3.96 14.92 -14.10
CA THR A 252 4.35 14.72 -15.53
C THR A 252 5.85 14.98 -15.67
N PHE A 253 6.66 13.93 -15.51
CA PHE A 253 8.14 13.96 -15.64
C PHE A 253 8.53 14.54 -17.00
N GLU A 254 7.71 14.34 -18.03
CA GLU A 254 8.02 14.63 -19.44
C GLU A 254 7.72 16.10 -19.79
N SER A 255 7.04 16.82 -18.91
CA SER A 255 6.52 18.19 -19.20
C SER A 255 7.47 19.23 -18.64
N TRP A 256 7.69 20.29 -19.42
CA TRP A 256 8.41 21.52 -18.99
C TRP A 256 7.38 22.57 -18.52
N GLY A 257 7.69 23.86 -18.62
CA GLY A 257 6.81 24.93 -18.14
C GLY A 257 6.74 24.94 -16.62
N LYS A 258 5.54 24.95 -16.06
CA LYS A 258 5.37 24.99 -14.58
C LYS A 258 5.67 23.60 -13.99
N LYS A 259 5.77 22.55 -14.83
CA LYS A 259 5.95 21.14 -14.37
C LYS A 259 7.45 20.85 -14.13
N SER A 260 8.34 21.79 -14.44
CA SER A 260 9.81 21.69 -14.21
C SER A 260 10.34 22.97 -13.56
N THR A 261 11.35 22.83 -12.70
CA THR A 261 12.08 23.94 -12.03
C THR A 261 13.23 24.39 -12.93
N PRO A 262 13.76 25.62 -12.75
CA PRO A 262 14.93 26.07 -13.53
C PRO A 262 16.11 25.09 -13.41
N GLN A 263 16.29 24.45 -12.24
CA GLN A 263 17.39 23.47 -12.00
C GLN A 263 17.33 22.34 -13.04
N ARG A 264 16.15 21.98 -13.52
CA ARG A 264 16.01 20.92 -14.54
C ARG A 264 16.64 21.38 -15.85
N ALA A 265 16.41 22.63 -16.27
CA ALA A 265 17.00 23.18 -17.53
C ALA A 265 18.53 23.20 -17.38
N ILE A 266 19.03 23.58 -16.21
CA ILE A 266 20.48 23.58 -15.95
C ILE A 266 21.02 22.14 -16.02
N ALA A 267 20.26 21.15 -15.53
CA ALA A 267 20.67 19.72 -15.57
C ALA A 267 20.77 19.25 -17.01
N TRP A 268 19.85 19.71 -17.87
CA TRP A 268 19.82 19.40 -19.32
C TRP A 268 21.12 19.87 -19.97
N TRP A 269 21.54 21.11 -19.68
CA TRP A 269 22.81 21.68 -20.19
C TRP A 269 23.98 20.86 -19.65
N GLY A 270 23.85 20.35 -18.42
CA GLY A 270 24.89 19.55 -17.76
C GLY A 270 25.15 18.27 -18.52
N ILE A 271 24.09 17.64 -19.01
CA ILE A 271 24.18 16.34 -19.75
C ILE A 271 24.97 16.63 -21.03
N ARG A 272 24.68 17.72 -21.72
CA ARG A 272 25.35 18.10 -23.00
C ARG A 272 26.81 18.42 -22.71
N MET A 273 27.08 19.13 -21.60
CA MET A 273 28.45 19.50 -21.20
C MET A 273 29.27 18.23 -20.96
N VAL A 274 28.74 17.28 -20.19
CA VAL A 274 29.48 16.04 -19.80
C VAL A 274 29.85 15.26 -21.06
N ARG A 275 28.92 15.13 -22.00
CA ARG A 275 29.12 14.41 -23.28
C ARG A 275 30.24 15.07 -24.08
N ASP A 276 30.24 16.40 -24.17
CA ASP A 276 31.32 17.20 -24.81
C ASP A 276 32.65 16.90 -24.11
N LEU A 277 32.72 17.05 -22.78
CA LEU A 277 33.94 16.77 -21.99
C LEU A 277 34.46 15.38 -22.35
N ASN A 278 33.58 14.38 -22.29
CA ASN A 278 33.97 12.95 -22.43
C ASN A 278 34.44 12.69 -23.87
N MET A 279 33.59 12.97 -24.86
CA MET A 279 33.88 12.67 -26.29
C MET A 279 35.12 13.42 -26.79
N ASN A 280 35.30 14.70 -26.43
CA ASN A 280 36.23 15.63 -27.14
C ASN A 280 37.46 15.95 -26.29
N TYR A 281 37.48 15.66 -24.99
CA TYR A 281 38.60 16.02 -24.10
C TYR A 281 39.09 14.80 -23.30
N LEU A 282 38.21 13.98 -22.73
CA LEU A 282 38.67 12.97 -21.73
C LEU A 282 38.93 11.60 -22.38
N ALA A 283 38.02 11.09 -23.21
CA ALA A 283 38.15 9.77 -23.86
C ALA A 283 39.45 9.72 -24.68
N PRO A 284 39.77 10.74 -25.51
CA PRO A 284 40.97 10.74 -26.35
C PRO A 284 42.30 10.77 -25.58
N LEU A 285 42.29 11.02 -24.26
CA LEU A 285 43.55 11.02 -23.45
C LEU A 285 44.09 9.60 -23.20
N ASN A 286 43.42 8.53 -23.63
CA ASN A 286 43.95 7.14 -23.47
C ASN A 286 45.27 7.02 -24.23
N ALA A 287 45.48 7.79 -25.31
CA ALA A 287 46.73 7.81 -26.11
C ALA A 287 47.89 8.48 -25.35
N SER A 288 47.62 9.21 -24.26
CA SER A 288 48.60 10.12 -23.58
C SER A 288 48.86 9.70 -22.14
N LEU A 289 48.24 8.63 -21.66
CA LEU A 289 48.27 8.25 -20.23
C LEU A 289 48.98 6.90 -20.08
N PRO A 290 49.65 6.65 -18.95
CA PRO A 290 50.20 5.32 -18.70
C PRO A 290 49.11 4.25 -18.61
N ALA A 291 49.49 2.99 -18.88
CA ALA A 291 48.63 1.79 -18.82
C ALA A 291 47.98 1.67 -17.43
N SER A 292 48.66 2.09 -16.37
CA SER A 292 48.18 1.98 -14.96
C SER A 292 46.95 2.87 -14.68
N ARG A 293 46.65 3.83 -15.56
CA ARG A 293 45.54 4.80 -15.45
C ARG A 293 44.33 4.34 -16.28
N LEU A 294 44.49 3.36 -17.17
CA LEU A 294 43.45 2.90 -18.13
C LEU A 294 42.57 1.80 -17.50
N GLY A 295 41.33 1.66 -17.98
CA GLY A 295 40.43 0.54 -17.62
C GLY A 295 40.70 -0.69 -18.48
N ARG A 296 39.93 -1.76 -18.25
CA ARG A 296 40.14 -3.09 -18.87
C ARG A 296 39.87 -3.06 -20.38
N GLN A 297 39.16 -2.05 -20.88
CA GLN A 297 38.94 -1.86 -22.35
C GLN A 297 39.88 -0.79 -22.90
N GLY A 298 40.95 -0.43 -22.20
CA GLY A 298 41.91 0.62 -22.62
C GLY A 298 41.32 2.03 -22.60
N GLU A 299 40.25 2.29 -21.84
CA GLU A 299 39.59 3.63 -21.77
C GLU A 299 40.31 4.50 -20.74
N ALA A 300 40.35 5.81 -20.99
CA ALA A 300 40.76 6.83 -19.99
C ALA A 300 39.62 7.04 -18.99
N PRO A 301 39.90 7.40 -17.72
CA PRO A 301 38.85 7.81 -16.78
C PRO A 301 38.06 9.02 -17.32
N GLN A 302 36.73 8.97 -17.19
CA GLN A 302 35.83 10.02 -17.72
C GLN A 302 34.96 10.59 -16.60
N ALA A 303 34.15 11.59 -16.93
CA ALA A 303 33.44 12.43 -15.95
C ALA A 303 31.95 12.09 -15.97
N ASP A 304 31.34 12.05 -14.80
CA ASP A 304 29.86 12.08 -14.66
C ASP A 304 29.50 13.33 -13.83
N CYS A 305 28.26 13.45 -13.36
CA CYS A 305 27.78 14.61 -12.56
C CYS A 305 28.57 14.67 -11.26
N ARG A 306 28.86 13.52 -10.66
CA ARG A 306 29.49 13.43 -9.33
C ARG A 306 30.92 13.96 -9.37
N THR A 307 31.61 13.85 -10.51
CA THR A 307 33.04 14.27 -10.66
C THR A 307 33.25 15.68 -10.10
N CYS A 308 32.36 16.61 -10.45
CA CYS A 308 32.35 18.02 -9.94
C CYS A 308 31.49 18.13 -8.67
N HIS A 309 30.26 17.58 -8.68
CA HIS A 309 29.22 17.87 -7.65
C HIS A 309 29.49 17.16 -6.33
N GLN A 310 29.92 15.90 -6.35
CA GLN A 310 30.30 15.11 -5.16
C GLN A 310 29.21 15.24 -4.07
N GLY A 311 27.95 15.00 -4.44
CA GLY A 311 26.81 14.88 -3.51
C GLY A 311 26.21 16.21 -3.10
N VAL A 312 26.44 17.28 -3.86
CA VAL A 312 25.94 18.64 -3.55
C VAL A 312 25.33 19.22 -4.82
N THR A 313 24.24 19.97 -4.68
CA THR A 313 23.45 20.50 -5.82
C THR A 313 24.29 21.51 -6.60
N LYS A 314 25.13 22.30 -5.91
CA LYS A 314 26.18 23.16 -6.52
C LYS A 314 27.52 22.65 -6.04
N PRO A 315 28.52 22.41 -6.93
CA PRO A 315 29.83 21.94 -6.49
C PRO A 315 30.43 22.92 -5.47
N LEU A 316 30.96 22.40 -4.36
CA LEU A 316 31.64 23.20 -3.29
C LEU A 316 30.71 24.32 -2.80
N PHE A 317 29.40 24.09 -2.80
CA PHE A 317 28.34 25.00 -2.29
C PHE A 317 28.40 26.36 -2.98
N GLY A 318 28.80 26.40 -4.25
CA GLY A 318 28.83 27.63 -5.07
C GLY A 318 30.12 28.43 -4.94
N ALA A 319 31.13 27.93 -4.23
CA ALA A 319 32.47 28.58 -4.13
C ALA A 319 33.00 28.86 -5.55
N SER A 320 33.40 30.12 -5.82
CA SER A 320 33.92 30.60 -7.13
C SER A 320 35.36 31.08 -6.98
N ARG A 321 36.12 31.01 -8.09
CA ARG A 321 37.48 31.62 -8.23
C ARG A 321 37.57 32.25 -9.62
N LEU A 322 36.41 32.53 -10.23
CA LEU A 322 36.33 32.96 -11.63
C LEU A 322 36.98 34.34 -11.80
N LYS A 323 36.73 35.25 -10.85
CA LYS A 323 37.23 36.65 -10.91
C LYS A 323 38.69 36.67 -10.41
N ASP A 324 39.09 35.65 -9.65
CA ASP A 324 40.48 35.48 -9.16
C ASP A 324 41.40 34.93 -10.28
N TYR A 325 40.89 34.21 -11.29
CA TYR A 325 41.71 33.48 -12.30
C TYR A 325 41.05 33.61 -13.66
N PRO A 326 40.95 34.83 -14.21
CA PRO A 326 40.27 35.06 -15.49
C PRO A 326 40.89 34.28 -16.66
N GLU A 327 42.14 33.82 -16.50
CA GLU A 327 42.86 33.03 -17.53
C GLU A 327 42.25 31.62 -17.66
N LEU A 328 41.49 31.14 -16.65
CA LEU A 328 40.71 29.87 -16.75
C LEU A 328 39.37 30.12 -17.45
N GLY A 329 39.06 31.38 -17.78
CA GLY A 329 37.89 31.76 -18.61
C GLY A 329 36.82 32.46 -17.77
N PRO A 330 35.77 33.04 -18.42
CA PRO A 330 35.58 32.94 -19.86
C PRO A 330 36.56 33.77 -20.70
N ILE A 331 36.77 33.37 -21.96
CA ILE A 331 37.70 33.99 -22.94
C ILE A 331 36.89 34.51 -24.13
N LYS A 332 36.72 35.82 -24.28
CA LYS A 332 36.05 36.43 -25.45
C LYS A 332 37.06 36.51 -26.61
N TYR B 2 -19.31 26.81 -32.49
CA TYR B 2 -20.60 26.19 -32.75
C TYR B 2 -21.35 25.97 -31.44
N HIS B 3 -22.62 26.39 -31.38
CA HIS B 3 -23.61 25.97 -30.35
C HIS B 3 -23.66 24.42 -30.36
N GLY B 4 -23.56 23.78 -29.20
CA GLY B 4 -23.75 22.32 -29.05
C GLY B 4 -22.48 21.51 -29.23
N ALA B 5 -21.35 22.14 -29.63
CA ALA B 5 -20.02 21.47 -29.70
C ALA B 5 -19.49 21.29 -28.27
N LEU B 6 -18.83 20.16 -28.04
CA LEU B 6 -18.00 19.91 -26.83
C LEU B 6 -16.56 19.74 -27.32
N ALA B 7 -15.57 20.20 -26.52
CA ALA B 7 -14.12 20.12 -26.85
C ALA B 7 -13.62 18.70 -26.55
N GLN B 8 -14.18 17.69 -27.23
CA GLN B 8 -13.96 16.25 -26.93
C GLN B 8 -13.95 15.44 -28.24
N HIS B 9 -12.75 15.08 -28.73
CA HIS B 9 -12.55 14.04 -29.77
C HIS B 9 -12.66 12.66 -29.09
N LEU B 10 -13.65 11.85 -29.49
CA LEU B 10 -13.98 10.53 -28.89
C LEU B 10 -12.83 9.54 -29.17
N ASP B 11 -12.44 8.74 -28.17
CA ASP B 11 -11.49 7.61 -28.36
C ASP B 11 -12.03 6.42 -27.56
N ILE B 12 -11.45 5.24 -27.74
CA ILE B 12 -12.01 3.98 -27.17
C ILE B 12 -11.94 4.02 -25.64
N ALA B 13 -10.84 4.50 -25.04
CA ALA B 13 -10.71 4.61 -23.56
C ALA B 13 -11.87 5.44 -22.99
N GLN B 14 -12.26 6.54 -23.64
CA GLN B 14 -13.37 7.42 -23.20
C GLN B 14 -14.67 6.61 -23.18
N LEU B 15 -14.94 5.84 -24.24
CA LEU B 15 -16.11 4.93 -24.36
C LEU B 15 -16.09 3.95 -23.18
N VAL B 16 -14.95 3.32 -22.92
CA VAL B 16 -14.89 2.23 -21.90
C VAL B 16 -15.09 2.85 -20.52
N TRP B 17 -14.77 4.13 -20.34
CA TRP B 17 -14.94 4.89 -19.07
C TRP B 17 -16.42 4.95 -18.69
N TYR B 18 -17.27 5.41 -19.62
CA TYR B 18 -18.75 5.51 -19.47
C TYR B 18 -19.33 4.10 -19.24
N ALA B 19 -18.95 3.11 -20.04
CA ALA B 19 -19.40 1.70 -19.90
C ALA B 19 -19.12 1.19 -18.47
N GLN B 20 -17.94 1.44 -17.94
CA GLN B 20 -17.51 0.93 -16.62
C GLN B 20 -18.43 1.54 -15.53
N TRP B 21 -18.61 2.87 -15.52
CA TRP B 21 -19.54 3.54 -14.58
C TRP B 21 -20.94 2.93 -14.70
N LEU B 22 -21.39 2.67 -15.92
CA LEU B 22 -22.72 2.06 -16.17
C LEU B 22 -22.81 0.69 -15.50
N VAL B 23 -21.82 -0.17 -15.73
CA VAL B 23 -21.77 -1.53 -15.13
C VAL B 23 -21.81 -1.39 -13.60
N ILE B 24 -20.99 -0.51 -13.04
CA ILE B 24 -20.89 -0.36 -11.56
C ILE B 24 -22.26 0.03 -11.01
N TRP B 25 -22.89 1.08 -11.52
CA TRP B 25 -24.17 1.61 -10.95
C TRP B 25 -25.29 0.59 -11.16
N THR B 26 -25.28 -0.14 -12.26
CA THR B 26 -26.25 -1.23 -12.56
C THR B 26 -26.11 -2.34 -11.50
N VAL B 27 -24.92 -2.88 -11.29
CA VAL B 27 -24.69 -3.97 -10.30
C VAL B 27 -25.06 -3.47 -8.89
N VAL B 28 -24.69 -2.26 -8.50
CA VAL B 28 -24.92 -1.76 -7.12
C VAL B 28 -26.43 -1.55 -6.91
N LEU B 29 -27.06 -0.71 -7.74
CA LEU B 29 -28.45 -0.25 -7.51
C LEU B 29 -29.46 -1.36 -7.83
N LEU B 30 -29.28 -2.10 -8.94
CA LEU B 30 -30.32 -3.03 -9.46
C LEU B 30 -30.08 -4.48 -9.01
N TYR B 31 -28.91 -4.83 -8.48
CA TYR B 31 -28.65 -6.22 -8.00
C TYR B 31 -28.32 -6.21 -6.50
N LEU B 32 -27.20 -5.61 -6.09
CA LEU B 32 -26.71 -5.68 -4.68
C LEU B 32 -27.76 -5.09 -3.73
N ARG B 33 -28.31 -3.90 -4.05
CA ARG B 33 -29.31 -3.22 -3.19
C ARG B 33 -30.62 -4.02 -3.17
N ARG B 34 -30.92 -4.77 -4.23
CA ARG B 34 -32.11 -5.65 -4.31
C ARG B 34 -31.90 -6.83 -3.34
N GLU B 35 -30.72 -7.46 -3.35
CA GLU B 35 -30.32 -8.55 -2.42
C GLU B 35 -30.36 -8.09 -0.96
N ASP B 36 -29.97 -6.84 -0.69
CA ASP B 36 -29.93 -6.22 0.66
C ASP B 36 -31.33 -6.19 1.30
N ARG B 37 -32.40 -6.26 0.50
CA ARG B 37 -33.79 -6.05 1.00
C ARG B 37 -34.54 -7.36 1.20
N ARG B 38 -33.86 -8.51 1.17
CA ARG B 38 -34.53 -9.83 1.33
C ARG B 38 -35.00 -10.03 2.77
N GLU B 39 -34.42 -9.33 3.75
CA GLU B 39 -34.81 -9.45 5.18
C GLU B 39 -35.35 -8.10 5.68
N GLY B 40 -36.50 -8.09 6.36
CA GLY B 40 -37.05 -6.89 7.03
C GLY B 40 -37.90 -6.03 6.12
N TYR B 41 -38.01 -6.38 4.83
CA TYR B 41 -38.84 -5.67 3.83
C TYR B 41 -39.97 -6.60 3.39
N PRO B 42 -41.17 -6.10 3.08
CA PRO B 42 -41.46 -4.65 3.09
C PRO B 42 -41.42 -4.01 4.48
N LEU B 43 -41.18 -2.69 4.51
CA LEU B 43 -41.14 -1.86 5.75
C LEU B 43 -42.56 -1.72 6.29
N VAL B 44 -42.69 -1.43 7.59
CA VAL B 44 -43.98 -1.36 8.35
C VAL B 44 -44.12 0.03 9.01
N GLU B 45 -45.35 0.40 9.42
CA GLU B 45 -45.71 1.59 10.26
C GLU B 45 -45.61 2.89 9.44
N GLN B 58 -42.29 1.52 -3.01
CA GLN B 58 -41.61 0.76 -1.93
C GLN B 58 -41.49 -0.70 -2.37
N VAL B 59 -42.63 -1.35 -2.66
CA VAL B 59 -42.73 -2.79 -3.06
C VAL B 59 -42.06 -3.02 -4.42
N TYR B 60 -42.08 -2.06 -5.34
CA TYR B 60 -41.73 -2.25 -6.78
C TYR B 60 -40.22 -2.52 -6.95
N GLU B 61 -39.37 -2.26 -5.94
CA GLU B 61 -37.89 -2.53 -6.00
C GLU B 61 -37.48 -3.61 -4.99
N LEU B 62 -38.41 -4.51 -4.64
CA LEU B 62 -38.14 -5.75 -3.86
C LEU B 62 -38.05 -6.93 -4.81
N PRO B 63 -37.12 -7.86 -4.57
CA PRO B 63 -37.06 -9.09 -5.35
C PRO B 63 -38.14 -10.06 -4.90
N TYR B 64 -38.45 -11.03 -5.77
CA TYR B 64 -39.34 -12.19 -5.50
C TYR B 64 -38.69 -13.01 -4.40
N PRO B 65 -39.45 -13.49 -3.39
CA PRO B 65 -38.89 -14.29 -2.31
C PRO B 65 -37.97 -15.43 -2.80
N LYS B 66 -36.91 -15.66 -2.03
CA LYS B 66 -35.88 -16.69 -2.29
C LYS B 66 -36.23 -17.92 -1.46
N THR B 67 -36.08 -19.10 -2.05
CA THR B 67 -36.33 -20.41 -1.39
C THR B 67 -34.98 -21.10 -1.23
N PHE B 68 -34.69 -21.58 -0.02
CA PHE B 68 -33.51 -22.42 0.30
C PHE B 68 -33.98 -23.85 0.58
N VAL B 69 -33.24 -24.81 0.05
CA VAL B 69 -33.42 -26.25 0.39
C VAL B 69 -32.45 -26.56 1.54
N LEU B 70 -32.99 -26.85 2.71
CA LEU B 70 -32.20 -27.09 3.95
C LEU B 70 -31.46 -28.43 3.86
N PRO B 71 -30.35 -28.58 4.62
CA PRO B 71 -29.55 -29.79 4.61
C PRO B 71 -30.28 -31.09 5.01
N HIS B 72 -31.24 -31.00 5.93
CA HIS B 72 -31.89 -32.17 6.58
C HIS B 72 -33.38 -32.22 6.20
N GLY B 73 -33.68 -31.88 4.95
CA GLY B 73 -35.06 -31.87 4.42
C GLY B 73 -35.79 -30.60 4.80
N GLY B 74 -36.81 -30.25 4.01
CA GLY B 74 -37.58 -29.02 4.17
C GLY B 74 -37.05 -27.91 3.27
N THR B 75 -37.82 -26.85 3.17
CA THR B 75 -37.47 -25.61 2.45
C THR B 75 -37.85 -24.44 3.36
N VAL B 76 -37.16 -23.33 3.22
CA VAL B 76 -37.56 -22.04 3.86
C VAL B 76 -37.57 -21.00 2.73
N THR B 77 -38.56 -20.12 2.76
CA THR B 77 -38.72 -18.97 1.84
C THR B 77 -38.43 -17.71 2.65
N VAL B 78 -37.52 -16.86 2.18
CA VAL B 78 -37.17 -15.58 2.87
C VAL B 78 -37.73 -14.44 2.01
N PRO B 79 -38.31 -13.39 2.61
CA PRO B 79 -38.47 -13.29 4.07
C PRO B 79 -39.57 -14.17 4.69
N ARG B 80 -39.34 -14.72 5.88
CA ARG B 80 -40.31 -15.55 6.64
C ARG B 80 -41.53 -14.71 7.03
N ARG B 81 -42.70 -15.34 7.12
CA ARG B 81 -44.00 -14.66 7.42
C ARG B 81 -44.24 -14.68 8.94
N ARG B 82 -43.50 -15.51 9.69
CA ARG B 82 -43.54 -15.60 11.17
C ARG B 82 -43.61 -14.19 11.76
N PRO B 83 -44.68 -13.83 12.50
CA PRO B 83 -44.85 -12.46 13.02
C PRO B 83 -44.00 -12.15 14.26
N GLU B 84 -43.80 -10.85 14.54
CA GLU B 84 -43.04 -10.35 15.72
C GLU B 84 -43.98 -10.28 16.94
N THR B 85 -43.61 -10.89 18.08
CA THR B 85 -44.53 -11.22 19.20
C THR B 85 -44.35 -10.32 20.44
N ARG B 86 -43.54 -9.26 20.33
N ARG B 86 -43.50 -9.30 20.41
CA ARG B 86 -43.15 -8.37 21.46
CA ARG B 86 -43.32 -8.41 21.59
C ARG B 86 -43.84 -7.00 21.32
C ARG B 86 -43.77 -7.00 21.23
N GLU B 87 -44.86 -6.88 20.47
CA GLU B 87 -45.46 -5.59 20.04
C GLU B 87 -46.12 -4.90 21.24
N LEU B 88 -46.83 -5.65 22.09
CA LEU B 88 -47.59 -5.06 23.24
C LEU B 88 -46.64 -4.85 24.44
N LYS B 89 -45.39 -5.33 24.37
CA LYS B 89 -44.40 -5.17 25.48
C LYS B 89 -43.67 -3.82 25.38
N LEU B 90 -44.00 -2.99 24.39
CA LEU B 90 -43.49 -1.59 24.26
C LEU B 90 -44.65 -0.67 23.91
N ALA B 91 -44.62 0.55 24.42
CA ALA B 91 -45.69 1.56 24.25
C ALA B 91 -45.12 2.80 23.59
N GLN B 92 -45.87 3.34 22.64
CA GLN B 92 -45.62 4.65 21.98
C GLN B 92 -45.83 5.75 23.03
N THR B 93 -44.75 6.18 23.68
CA THR B 93 -44.70 7.31 24.67
C THR B 93 -45.14 8.62 24.01
N ASP B 94 -44.96 8.76 22.70
CA ASP B 94 -44.97 10.07 21.99
C ASP B 94 -45.50 9.88 20.55
N GLY B 95 -46.08 10.94 19.97
CA GLY B 95 -46.67 10.94 18.62
C GLY B 95 -45.61 10.87 17.52
N PHE B 96 -44.42 11.43 17.79
CA PHE B 96 -43.25 11.50 16.86
C PHE B 96 -42.73 10.09 16.58
N GLU B 97 -42.69 9.69 15.29
CA GLU B 97 -42.23 8.36 14.78
C GLU B 97 -40.83 8.03 15.32
N GLY B 98 -40.00 9.05 15.55
CA GLY B 98 -38.58 8.92 15.91
C GLY B 98 -38.34 8.65 17.37
N ALA B 99 -39.38 8.74 18.22
CA ALA B 99 -39.22 8.70 19.69
C ALA B 99 -38.97 7.25 20.10
N PRO B 100 -38.12 7.00 21.13
CA PRO B 100 -37.91 5.65 21.60
C PRO B 100 -39.23 5.16 22.21
N LEU B 101 -39.40 3.84 22.31
CA LEU B 101 -40.60 3.21 22.91
C LEU B 101 -40.27 2.86 24.36
N GLN B 102 -41.30 2.88 25.22
CA GLN B 102 -41.21 2.59 26.67
C GLN B 102 -41.59 1.13 26.89
N PRO B 103 -40.80 0.34 27.66
CA PRO B 103 -41.26 -0.96 28.14
C PRO B 103 -42.53 -0.83 28.99
N THR B 104 -43.38 -1.87 28.96
CA THR B 104 -44.66 -1.93 29.72
C THR B 104 -44.44 -2.70 31.03
N GLY B 105 -43.35 -3.49 31.10
CA GLY B 105 -42.97 -4.31 32.26
C GLY B 105 -41.46 -4.32 32.48
N ASN B 106 -40.96 -5.43 33.00
CA ASN B 106 -39.51 -5.71 33.17
C ASN B 106 -38.94 -6.11 31.82
N PRO B 107 -38.20 -5.21 31.12
CA PRO B 107 -37.81 -5.47 29.72
C PRO B 107 -36.87 -6.68 29.61
N LEU B 108 -36.17 -7.01 30.70
CA LEU B 108 -35.25 -8.18 30.78
C LEU B 108 -36.04 -9.48 30.62
N VAL B 109 -37.23 -9.57 31.22
CA VAL B 109 -38.11 -10.78 31.21
C VAL B 109 -39.02 -10.71 29.98
N ASP B 110 -39.55 -9.53 29.66
CA ASP B 110 -40.42 -9.29 28.48
C ASP B 110 -39.62 -9.47 27.18
N ALA B 111 -38.28 -9.39 27.22
CA ALA B 111 -37.37 -9.65 26.08
C ALA B 111 -37.55 -8.58 24.98
N VAL B 112 -37.22 -7.32 25.29
CA VAL B 112 -37.31 -6.16 24.37
C VAL B 112 -36.00 -5.38 24.45
N GLY B 113 -35.81 -4.44 23.54
CA GLY B 113 -34.52 -3.75 23.38
C GLY B 113 -33.38 -4.75 23.29
N PRO B 114 -32.26 -4.53 23.98
CA PRO B 114 -31.12 -5.44 23.89
C PRO B 114 -31.37 -6.83 24.50
N ALA B 115 -32.55 -7.06 25.09
CA ALA B 115 -32.96 -8.39 25.63
C ALA B 115 -33.82 -9.14 24.60
N SER B 116 -34.06 -8.55 23.42
CA SER B 116 -34.85 -9.14 22.32
C SER B 116 -34.17 -10.39 21.73
N TYR B 117 -34.94 -11.47 21.57
CA TYR B 117 -34.58 -12.66 20.76
C TYR B 117 -35.28 -12.52 19.41
N ALA B 118 -34.81 -13.25 18.40
CA ALA B 118 -35.45 -13.31 17.07
C ALA B 118 -36.42 -14.49 17.07
N GLU B 119 -37.47 -14.41 16.26
CA GLU B 119 -38.47 -15.49 16.04
C GLU B 119 -37.81 -16.61 15.24
N ARG B 120 -36.74 -17.17 15.78
CA ARG B 120 -35.93 -18.25 15.16
C ARG B 120 -36.72 -19.54 15.35
N ALA B 121 -36.41 -20.60 14.62
CA ALA B 121 -37.21 -21.84 14.57
C ALA B 121 -36.95 -22.63 15.85
N GLU B 122 -37.96 -23.38 16.32
CA GLU B 122 -37.87 -24.26 17.52
C GLU B 122 -37.34 -25.62 17.07
N VAL B 123 -36.21 -25.61 16.34
CA VAL B 123 -35.51 -26.83 15.88
C VAL B 123 -34.10 -26.83 16.48
N VAL B 124 -33.62 -28.03 16.77
CA VAL B 124 -32.24 -28.30 17.22
C VAL B 124 -31.34 -28.17 15.99
N ASP B 125 -30.43 -27.21 16.01
CA ASP B 125 -29.34 -27.11 14.99
C ASP B 125 -28.60 -28.45 14.98
N ALA B 126 -28.27 -28.95 13.80
CA ALA B 126 -27.75 -30.32 13.58
C ALA B 126 -26.36 -30.29 12.95
N THR B 127 -25.60 -31.36 13.18
CA THR B 127 -24.32 -31.68 12.52
C THR B 127 -24.60 -32.10 11.07
N VAL B 128 -23.55 -32.24 10.26
CA VAL B 128 -23.68 -32.67 8.85
C VAL B 128 -24.40 -34.04 8.80
N ASP B 129 -24.17 -34.91 9.80
CA ASP B 129 -24.69 -36.31 9.83
C ASP B 129 -25.94 -36.43 10.73
N GLY B 130 -26.60 -35.33 11.08
CA GLY B 130 -27.97 -35.34 11.62
C GLY B 130 -28.08 -35.36 13.14
N LYS B 131 -26.95 -35.37 13.86
CA LYS B 131 -26.94 -35.31 15.35
C LYS B 131 -27.15 -33.86 15.81
N ALA B 132 -27.59 -33.66 17.05
CA ALA B 132 -27.65 -32.33 17.70
C ALA B 132 -26.23 -31.74 17.71
N LYS B 133 -26.09 -30.46 17.35
CA LYS B 133 -24.76 -29.83 17.14
C LYS B 133 -24.19 -29.39 18.50
N ILE B 134 -25.00 -28.75 19.33
CA ILE B 134 -24.56 -28.11 20.59
C ILE B 134 -25.11 -28.91 21.78
N VAL B 135 -24.21 -29.65 22.44
CA VAL B 135 -24.56 -30.67 23.48
C VAL B 135 -23.53 -30.59 24.60
N PRO B 136 -23.94 -30.89 25.86
CA PRO B 136 -23.01 -30.90 26.99
C PRO B 136 -22.01 -32.05 26.87
N LEU B 137 -20.87 -31.94 27.56
CA LEU B 137 -19.79 -32.96 27.59
C LEU B 137 -20.26 -34.25 28.27
N ARG B 138 -21.33 -34.22 29.08
CA ARG B 138 -21.95 -35.47 29.62
C ARG B 138 -22.56 -36.28 28.47
N VAL B 139 -22.97 -35.65 27.36
CA VAL B 139 -23.43 -36.39 26.15
C VAL B 139 -22.27 -36.61 25.18
N ALA B 140 -21.48 -35.58 24.87
CA ALA B 140 -20.37 -35.70 23.90
C ALA B 140 -19.13 -36.24 24.63
N THR B 141 -19.13 -37.54 24.96
CA THR B 141 -18.12 -38.16 25.86
C THR B 141 -16.80 -38.38 25.09
N ASP B 142 -16.82 -38.20 23.77
CA ASP B 142 -15.63 -38.34 22.87
C ASP B 142 -14.93 -36.98 22.73
N PHE B 143 -15.47 -35.92 23.36
CA PHE B 143 -14.89 -34.55 23.39
C PHE B 143 -14.24 -34.33 24.75
N SER B 144 -13.16 -33.54 24.77
CA SER B 144 -12.42 -33.13 25.99
C SER B 144 -11.97 -31.67 25.90
N ILE B 145 -11.59 -31.10 27.05
CA ILE B 145 -10.84 -29.82 27.11
C ILE B 145 -9.39 -30.13 26.74
N ALA B 146 -8.77 -29.27 25.95
CA ALA B 146 -7.35 -29.37 25.55
C ALA B 146 -6.45 -29.34 26.79
N GLU B 147 -5.41 -30.17 26.81
CA GLU B 147 -4.33 -30.16 27.83
C GLU B 147 -3.77 -28.73 27.91
N GLY B 148 -3.86 -28.09 29.08
CA GLY B 148 -3.27 -26.76 29.37
C GLY B 148 -4.32 -25.72 29.70
N ASP B 149 -5.58 -25.95 29.33
CA ASP B 149 -6.67 -24.96 29.60
C ASP B 149 -7.39 -25.34 30.88
N VAL B 150 -8.15 -24.38 31.40
CA VAL B 150 -8.93 -24.47 32.65
C VAL B 150 -10.14 -25.37 32.38
N ASP B 151 -10.24 -26.52 33.07
CA ASP B 151 -11.50 -27.28 33.24
C ASP B 151 -12.37 -26.52 34.23
N PRO B 152 -13.43 -25.81 33.80
CA PRO B 152 -14.18 -24.93 34.69
C PRO B 152 -15.20 -25.69 35.55
N ARG B 153 -15.32 -27.01 35.39
CA ARG B 153 -16.30 -27.83 36.15
C ARG B 153 -15.87 -27.88 37.62
N GLY B 154 -16.76 -27.45 38.52
CA GLY B 154 -16.52 -27.36 39.97
C GLY B 154 -16.30 -25.93 40.42
N LEU B 155 -15.99 -25.02 39.49
CA LEU B 155 -15.60 -23.61 39.81
C LEU B 155 -16.83 -22.75 40.08
N PRO B 156 -16.72 -21.76 40.97
CA PRO B 156 -17.82 -20.83 41.22
C PRO B 156 -17.97 -19.79 40.10
N VAL B 157 -19.20 -19.31 39.91
CA VAL B 157 -19.57 -18.21 38.98
C VAL B 157 -19.89 -16.97 39.83
N VAL B 158 -19.07 -15.93 39.72
CA VAL B 158 -19.22 -14.61 40.40
C VAL B 158 -19.95 -13.65 39.46
N ALA B 159 -21.07 -13.09 39.90
CA ALA B 159 -21.89 -12.12 39.14
C ALA B 159 -21.30 -10.71 39.35
N ALA B 160 -22.00 -9.68 38.87
CA ALA B 160 -21.52 -8.27 38.81
C ALA B 160 -21.33 -7.70 40.21
N ASP B 161 -22.15 -8.14 41.17
CA ASP B 161 -22.30 -7.58 42.54
C ASP B 161 -21.33 -8.27 43.51
N GLY B 162 -20.45 -9.14 43.01
CA GLY B 162 -19.43 -9.83 43.82
C GLY B 162 -19.95 -11.10 44.47
N VAL B 163 -21.26 -11.34 44.44
CA VAL B 163 -21.93 -12.56 45.02
C VAL B 163 -21.68 -13.75 44.10
N GLU B 164 -21.35 -14.91 44.69
CA GLU B 164 -21.32 -16.24 44.02
C GLU B 164 -22.76 -16.62 43.68
N ALA B 165 -23.05 -16.90 42.40
CA ALA B 165 -24.42 -17.09 41.86
C ALA B 165 -24.69 -18.57 41.63
N GLY B 166 -23.64 -19.40 41.58
CA GLY B 166 -23.76 -20.84 41.28
C GLY B 166 -22.42 -21.48 40.99
N THR B 167 -22.44 -22.74 40.57
CA THR B 167 -21.23 -23.57 40.31
C THR B 167 -21.34 -24.11 38.87
N VAL B 168 -20.25 -24.13 38.13
CA VAL B 168 -20.23 -24.70 36.75
C VAL B 168 -20.41 -26.22 36.86
N THR B 169 -21.40 -26.78 36.16
CA THR B 169 -21.69 -28.24 36.07
C THR B 169 -21.16 -28.83 34.75
N ASP B 170 -21.20 -28.09 33.62
CA ASP B 170 -20.78 -28.66 32.30
C ASP B 170 -20.39 -27.55 31.30
N LEU B 171 -19.80 -27.97 30.19
CA LEU B 171 -19.55 -27.14 28.98
C LEU B 171 -20.38 -27.70 27.81
N TRP B 172 -21.06 -26.84 27.07
CA TRP B 172 -21.74 -27.21 25.80
C TRP B 172 -20.79 -26.93 24.63
N VAL B 173 -20.44 -27.97 23.89
CA VAL B 173 -19.51 -27.93 22.74
C VAL B 173 -20.34 -27.96 21.46
N ASP B 174 -19.92 -27.18 20.46
CA ASP B 174 -20.36 -27.24 19.04
C ASP B 174 -19.60 -28.39 18.38
N ARG B 175 -20.31 -29.48 18.05
CA ARG B 175 -19.70 -30.72 17.51
C ARG B 175 -19.27 -30.52 16.06
N SER B 176 -19.86 -29.54 15.36
CA SER B 176 -19.56 -29.22 13.96
C SER B 176 -18.24 -28.45 13.85
N GLU B 177 -17.93 -27.55 14.79
CA GLU B 177 -16.77 -26.62 14.70
C GLU B 177 -15.72 -26.91 15.79
N HIS B 178 -15.97 -27.82 16.71
CA HIS B 178 -15.03 -28.20 17.80
C HIS B 178 -14.69 -26.95 18.63
N TYR B 179 -15.72 -26.35 19.22
CA TYR B 179 -15.63 -25.03 19.87
C TYR B 179 -16.69 -24.99 20.99
N PHE B 180 -16.29 -24.63 22.21
CA PHE B 180 -17.23 -24.47 23.36
C PHE B 180 -18.00 -23.16 23.16
N ARG B 181 -19.33 -23.21 23.32
CA ARG B 181 -20.22 -22.04 23.10
C ARG B 181 -20.96 -21.68 24.39
N TYR B 182 -21.21 -22.62 25.31
CA TYR B 182 -21.90 -22.32 26.59
C TYR B 182 -21.26 -23.06 27.78
N LEU B 183 -21.38 -22.44 28.96
CA LEU B 183 -21.24 -23.07 30.30
C LEU B 183 -22.63 -23.29 30.87
N GLU B 184 -22.86 -24.47 31.45
CA GLU B 184 -24.02 -24.75 32.32
C GLU B 184 -23.60 -24.59 33.78
N LEU B 185 -24.40 -23.88 34.58
CA LEU B 185 -24.14 -23.76 36.04
C LEU B 185 -25.38 -24.15 36.85
N SER B 186 -25.15 -24.84 37.97
CA SER B 186 -26.11 -24.97 39.10
C SER B 186 -26.35 -23.59 39.69
N VAL B 187 -27.59 -23.11 39.74
CA VAL B 187 -27.97 -21.78 40.30
C VAL B 187 -28.24 -21.93 41.80
N ALA B 188 -27.35 -21.39 42.65
CA ALA B 188 -27.43 -21.44 44.13
C ALA B 188 -28.81 -20.98 44.58
N GLY B 189 -29.50 -21.78 45.40
CA GLY B 189 -30.80 -21.44 46.01
C GLY B 189 -31.99 -21.73 45.10
N SER B 190 -31.79 -22.57 44.08
CA SER B 190 -32.84 -23.14 43.19
C SER B 190 -32.51 -24.60 42.89
N ALA B 191 -33.41 -25.31 42.19
CA ALA B 191 -33.23 -26.71 41.74
C ALA B 191 -32.75 -26.74 40.28
N ARG B 192 -32.56 -25.57 39.66
CA ARG B 192 -32.37 -25.40 38.19
C ARG B 192 -30.92 -25.14 37.82
N THR B 193 -30.55 -25.50 36.60
CA THR B 193 -29.34 -25.02 35.89
C THR B 193 -29.71 -23.83 35.00
N ALA B 194 -28.72 -23.02 34.65
CA ALA B 194 -28.81 -22.00 33.58
C ALA B 194 -27.63 -22.19 32.63
N LEU B 195 -27.84 -21.87 31.36
CA LEU B 195 -26.75 -21.72 30.37
C LEU B 195 -26.26 -20.27 30.37
N ILE B 196 -24.98 -20.10 30.11
CA ILE B 196 -24.39 -18.77 29.82
C ILE B 196 -23.45 -18.92 28.65
N PRO B 197 -23.55 -18.05 27.62
CA PRO B 197 -22.60 -18.07 26.52
C PRO B 197 -21.19 -17.69 27.02
N LEU B 198 -20.18 -18.41 26.52
CA LEU B 198 -18.75 -18.20 26.91
C LEU B 198 -18.39 -16.73 26.72
N GLY B 199 -19.02 -16.06 25.75
CA GLY B 199 -18.76 -14.66 25.40
C GLY B 199 -19.07 -13.72 26.55
N PHE B 200 -19.85 -14.15 27.54
CA PHE B 200 -20.22 -13.34 28.72
C PHE B 200 -19.43 -13.79 29.94
N CYS B 201 -18.40 -14.63 29.73
CA CYS B 201 -17.62 -15.31 30.79
C CYS B 201 -16.15 -14.91 30.72
N ASP B 202 -15.64 -14.40 31.84
CA ASP B 202 -14.19 -14.20 32.14
C ASP B 202 -13.71 -15.46 32.88
N VAL B 203 -12.94 -16.33 32.22
CA VAL B 203 -12.47 -17.63 32.77
C VAL B 203 -11.12 -17.42 33.47
N LYS B 204 -11.16 -17.34 34.80
CA LYS B 204 -9.94 -17.31 35.67
C LYS B 204 -9.65 -18.76 36.12
N LYS B 205 -8.54 -18.97 36.84
CA LYS B 205 -8.09 -20.33 37.30
C LYS B 205 -8.98 -20.82 38.45
N ASP B 206 -9.58 -19.92 39.24
CA ASP B 206 -10.33 -20.29 40.47
C ASP B 206 -11.79 -19.79 40.42
N LYS B 207 -12.25 -19.19 39.32
CA LYS B 207 -13.64 -18.66 39.21
C LYS B 207 -14.00 -18.26 37.76
N ILE B 208 -15.31 -18.07 37.52
CA ILE B 208 -15.89 -17.48 36.29
C ILE B 208 -16.51 -16.15 36.67
N VAL B 209 -16.04 -15.04 36.10
CA VAL B 209 -16.58 -13.68 36.39
C VAL B 209 -17.60 -13.33 35.31
N VAL B 210 -18.78 -12.89 35.72
CA VAL B 210 -19.90 -12.47 34.84
C VAL B 210 -20.33 -11.06 35.28
N THR B 211 -19.98 -10.04 34.48
CA THR B 211 -20.28 -8.62 34.77
C THR B 211 -21.65 -8.24 34.16
N SER B 212 -22.23 -9.15 33.37
CA SER B 212 -23.44 -8.93 32.54
C SER B 212 -24.68 -8.67 33.41
N ILE B 213 -24.89 -9.49 34.45
CA ILE B 213 -26.10 -9.47 35.33
C ILE B 213 -25.69 -9.62 36.80
N LEU B 214 -26.59 -9.24 37.71
CA LEU B 214 -26.46 -9.45 39.19
C LEU B 214 -26.80 -10.92 39.50
N SER B 215 -26.38 -11.42 40.66
CA SER B 215 -26.53 -12.83 41.12
C SER B 215 -28.02 -13.24 41.16
N GLU B 216 -28.91 -12.35 41.59
CA GLU B 216 -30.37 -12.62 41.75
C GLU B 216 -31.02 -12.87 40.38
N GLN B 217 -30.45 -12.32 39.31
CA GLN B 217 -31.05 -12.34 37.94
C GLN B 217 -30.73 -13.67 37.23
N PHE B 218 -29.84 -14.51 37.77
CA PHE B 218 -29.58 -15.87 37.22
C PHE B 218 -30.82 -16.76 37.40
N ALA B 219 -31.77 -16.37 38.24
CA ALA B 219 -33.01 -17.12 38.54
C ALA B 219 -33.93 -17.13 37.32
N ASN B 220 -33.98 -16.01 36.58
CA ASN B 220 -34.94 -15.76 35.47
C ASN B 220 -34.29 -15.95 34.09
N VAL B 221 -33.11 -16.57 34.01
CA VAL B 221 -32.48 -16.96 32.71
C VAL B 221 -33.48 -17.90 32.02
N PRO B 222 -33.79 -17.69 30.72
CA PRO B 222 -34.69 -18.60 30.02
C PRO B 222 -34.30 -20.07 30.20
N ARG B 223 -35.33 -20.92 30.36
CA ARG B 223 -35.20 -22.36 30.66
C ARG B 223 -35.28 -23.13 29.34
N LEU B 224 -34.49 -24.19 29.24
CA LEU B 224 -34.53 -25.14 28.10
C LEU B 224 -35.72 -26.06 28.32
N GLN B 225 -36.43 -26.43 27.25
CA GLN B 225 -37.55 -27.42 27.27
C GLN B 225 -36.96 -28.79 27.65
N SER B 226 -35.81 -29.11 27.06
CA SER B 226 -35.08 -30.38 27.20
C SER B 226 -33.74 -30.12 27.91
N ARG B 227 -33.16 -31.12 28.55
CA ARG B 227 -32.03 -30.93 29.49
C ARG B 227 -30.70 -30.99 28.73
N ASP B 228 -30.62 -31.80 27.67
CA ASP B 228 -29.34 -32.20 26.99
C ASP B 228 -29.31 -31.71 25.54
N GLN B 229 -30.18 -30.77 25.17
CA GLN B 229 -30.17 -30.18 23.81
C GLN B 229 -30.90 -28.83 23.85
N ILE B 230 -30.61 -27.97 22.88
CA ILE B 230 -31.11 -26.56 22.80
C ILE B 230 -31.56 -26.28 21.38
N THR B 231 -32.68 -25.55 21.24
CA THR B 231 -33.23 -25.11 19.94
C THR B 231 -32.63 -23.75 19.58
N LEU B 232 -32.70 -23.40 18.28
CA LEU B 232 -32.15 -22.13 17.76
C LEU B 232 -32.82 -20.96 18.47
N ARG B 233 -34.13 -21.01 18.70
CA ARG B 233 -34.83 -19.91 19.41
C ARG B 233 -34.33 -19.86 20.86
N GLU B 234 -34.05 -21.01 21.48
CA GLU B 234 -33.58 -21.07 22.89
C GLU B 234 -32.20 -20.42 22.98
N GLU B 235 -31.29 -20.78 22.07
CA GLU B 235 -29.95 -20.12 21.98
C GLU B 235 -30.11 -18.60 21.96
N ASP B 236 -31.06 -18.08 21.19
CA ASP B 236 -31.30 -16.63 21.07
C ASP B 236 -31.82 -16.06 22.39
N LYS B 237 -32.72 -16.78 23.05
CA LYS B 237 -33.39 -16.35 24.32
C LYS B 237 -32.33 -16.22 25.41
N VAL B 238 -31.52 -17.26 25.60
CA VAL B 238 -30.40 -17.30 26.58
C VAL B 238 -29.42 -16.15 26.31
N SER B 239 -28.91 -16.04 25.08
CA SER B 239 -27.90 -15.04 24.65
C SER B 239 -28.43 -13.61 24.88
N ALA B 240 -29.67 -13.35 24.50
CA ALA B 240 -30.33 -12.02 24.57
C ALA B 240 -30.47 -11.56 26.02
N TYR B 241 -30.71 -12.49 26.95
CA TYR B 241 -31.00 -12.20 28.38
C TYR B 241 -29.81 -11.44 28.98
N TYR B 242 -28.61 -12.02 28.83
CA TYR B 242 -27.32 -11.45 29.32
C TYR B 242 -27.07 -10.09 28.66
N ALA B 243 -27.34 -9.95 27.36
CA ALA B 243 -27.17 -8.68 26.61
C ALA B 243 -28.16 -7.64 27.13
N GLY B 244 -29.37 -8.09 27.48
CA GLY B 244 -30.35 -7.27 28.20
C GLY B 244 -29.73 -6.64 29.44
N GLY B 245 -28.94 -7.42 30.18
CA GLY B 245 -28.28 -7.01 31.44
C GLY B 245 -27.36 -5.81 31.27
N LEU B 246 -26.69 -5.70 30.12
CA LEU B 246 -25.75 -4.60 29.79
C LEU B 246 -26.46 -3.25 29.95
N LEU B 247 -27.76 -3.17 29.64
CA LEU B 247 -28.55 -1.92 29.72
C LEU B 247 -29.51 -1.91 30.91
N TYR B 248 -29.87 -3.06 31.51
CA TYR B 248 -31.03 -3.19 32.43
C TYR B 248 -30.75 -3.94 33.74
N ALA B 249 -29.56 -4.49 33.97
CA ALA B 249 -29.23 -5.20 35.23
C ALA B 249 -29.42 -4.23 36.42
N THR B 250 -29.05 -2.95 36.26
CA THR B 250 -29.29 -1.86 37.25
C THR B 250 -29.91 -0.65 36.53
N PRO B 251 -30.66 0.23 37.24
CA PRO B 251 -31.27 1.40 36.60
C PRO B 251 -30.28 2.41 35.99
N GLU B 252 -29.04 2.48 36.52
CA GLU B 252 -28.01 3.48 36.13
C GLU B 252 -27.23 3.04 34.89
N ARG B 253 -27.38 1.78 34.44
CA ARG B 253 -26.74 1.26 33.21
C ARG B 253 -27.47 1.77 31.95
N ALA B 254 -28.80 1.96 32.02
CA ALA B 254 -29.63 2.50 30.91
C ALA B 254 -29.40 4.01 30.77
N GLU B 255 -28.98 4.68 31.85
CA GLU B 255 -28.67 6.14 31.91
C GLU B 255 -27.36 6.41 31.17
N SER B 256 -27.14 7.67 30.77
CA SER B 256 -25.89 8.09 30.09
C SER B 256 -24.71 7.92 31.05
N LEU B 257 -23.54 7.54 30.53
CA LEU B 257 -22.32 7.15 31.31
C LEU B 257 -21.68 8.41 31.91
N LEU B 258 -21.36 9.40 31.08
CA LEU B 258 -20.68 10.68 31.48
C LEU B 258 -21.75 11.75 31.76
N ALA C 1 -41.72 2.97 7.95
CA ALA C 1 -40.31 3.40 7.84
C ALA C 1 -39.42 2.60 8.80
N LEU C 2 -39.90 1.42 9.24
CA LEU C 2 -39.17 0.46 10.14
C LEU C 2 -39.00 -0.87 9.39
N LEU C 3 -37.86 -1.54 9.57
CA LEU C 3 -37.70 -2.96 9.14
C LEU C 3 -38.72 -3.81 9.91
N SER C 4 -39.14 -4.96 9.37
CA SER C 4 -40.23 -5.79 9.94
C SER C 4 -39.90 -6.20 11.37
N PHE C 5 -38.61 -6.34 11.72
CA PHE C 5 -38.11 -6.86 13.04
C PHE C 5 -37.52 -5.74 13.93
N GLU C 6 -37.65 -4.47 13.54
CA GLU C 6 -36.88 -3.34 14.14
C GLU C 6 -37.54 -2.81 15.41
N ARG C 7 -38.87 -2.74 15.48
CA ARG C 7 -39.63 -2.01 16.55
C ARG C 7 -39.13 -2.44 17.93
N LYS C 8 -38.94 -3.74 18.13
CA LYS C 8 -38.62 -4.29 19.48
C LYS C 8 -37.24 -3.80 19.97
N TYR C 9 -36.40 -3.25 19.10
CA TYR C 9 -35.02 -2.81 19.45
C TYR C 9 -34.97 -1.31 19.71
N ARG C 10 -36.05 -0.57 19.42
CA ARG C 10 -36.11 0.91 19.47
C ARG C 10 -36.48 1.38 20.88
N VAL C 11 -35.64 1.05 21.86
CA VAL C 11 -35.77 1.46 23.29
C VAL C 11 -34.82 2.63 23.56
N ARG C 12 -35.03 3.33 24.69
CA ARG C 12 -34.14 4.41 25.18
C ARG C 12 -32.92 3.76 25.84
N GLY C 13 -31.78 4.46 25.85
CA GLY C 13 -30.59 4.05 26.60
C GLY C 13 -29.36 3.95 25.73
N GLY C 14 -28.21 3.80 26.38
CA GLY C 14 -26.90 3.57 25.74
C GLY C 14 -26.18 4.84 25.37
N THR C 15 -26.82 6.01 25.46
CA THR C 15 -26.14 7.30 25.18
C THR C 15 -24.94 7.44 26.13
N LEU C 16 -23.92 8.18 25.72
CA LEU C 16 -22.76 8.53 26.57
C LEU C 16 -22.97 9.91 27.21
N ILE C 17 -23.69 10.83 26.54
CA ILE C 17 -23.91 12.23 26.99
C ILE C 17 -25.32 12.66 26.60
N GLY C 18 -25.99 13.43 27.48
CA GLY C 18 -27.24 14.17 27.18
C GLY C 18 -28.49 13.43 27.64
N GLY C 19 -28.36 12.15 28.03
CA GLY C 19 -29.48 11.27 28.43
C GLY C 19 -30.54 11.16 27.35
N ASP C 20 -31.77 11.57 27.66
CA ASP C 20 -32.98 11.41 26.82
C ASP C 20 -33.04 12.51 25.75
N LEU C 21 -32.29 13.60 25.91
CA LEU C 21 -32.48 14.83 25.11
C LEU C 21 -32.26 14.55 23.63
N PHE C 22 -31.26 13.74 23.29
CA PHE C 22 -30.87 13.48 21.87
C PHE C 22 -31.15 12.02 21.51
N ASP C 23 -31.82 11.27 22.40
CA ASP C 23 -32.06 9.81 22.25
C ASP C 23 -33.27 9.60 21.34
N PHE C 24 -33.09 9.70 20.03
CA PHE C 24 -34.20 9.58 19.04
C PHE C 24 -33.64 9.39 17.62
N TRP C 25 -34.54 9.09 16.69
CA TRP C 25 -34.29 8.76 15.28
C TRP C 25 -34.92 9.81 14.37
N VAL C 26 -34.23 10.13 13.27
CA VAL C 26 -34.79 10.86 12.10
C VAL C 26 -34.73 9.90 10.91
N GLY C 27 -35.88 9.38 10.50
CA GLY C 27 -35.98 8.26 9.55
C GLY C 27 -35.24 7.05 10.11
N PRO C 28 -34.28 6.47 9.35
CA PRO C 28 -33.51 5.33 9.84
C PRO C 28 -32.35 5.73 10.75
N TYR C 29 -31.97 7.01 10.75
CA TYR C 29 -30.74 7.52 11.41
C TYR C 29 -30.96 7.68 12.91
N PHE C 30 -30.19 7.00 13.76
CA PHE C 30 -30.04 7.43 15.18
C PHE C 30 -29.38 8.81 15.23
N VAL C 31 -29.74 9.62 16.22
CA VAL C 31 -29.12 10.97 16.41
C VAL C 31 -28.06 10.88 17.51
N GLY C 32 -28.46 11.02 18.78
CA GLY C 32 -27.52 11.12 19.92
C GLY C 32 -26.81 12.46 19.91
N PHE C 33 -26.03 12.76 20.94
CA PHE C 33 -25.23 14.01 21.05
C PHE C 33 -24.25 14.08 19.87
N PHE C 34 -23.55 12.96 19.60
CA PHE C 34 -22.47 12.85 18.57
C PHE C 34 -23.09 12.89 17.18
N GLY C 35 -24.39 12.61 17.05
CA GLY C 35 -25.13 12.87 15.79
C GLY C 35 -25.20 14.37 15.53
N VAL C 36 -25.60 15.13 16.56
CA VAL C 36 -25.77 16.62 16.49
C VAL C 36 -24.39 17.22 16.23
N SER C 37 -23.41 16.79 17.01
CA SER C 37 -21.96 17.11 16.92
C SER C 37 -21.47 16.92 15.46
N ALA C 38 -21.69 15.72 14.90
CA ALA C 38 -21.24 15.35 13.55
C ALA C 38 -21.83 16.32 12.54
N ILE C 39 -23.13 16.56 12.62
CA ILE C 39 -23.87 17.40 11.62
C ILE C 39 -23.35 18.84 11.71
N PHE C 40 -22.93 19.29 12.89
CA PHE C 40 -22.33 20.64 13.12
C PHE C 40 -21.03 20.76 12.32
N PHE C 41 -20.08 19.86 12.58
CA PHE C 41 -18.73 19.82 11.95
C PHE C 41 -18.88 19.61 10.43
N ILE C 42 -19.79 18.73 10.00
CA ILE C 42 -20.06 18.51 8.55
C ILE C 42 -20.54 19.82 7.91
N PHE C 43 -21.53 20.48 8.53
CA PHE C 43 -22.11 21.75 8.03
C PHE C 43 -21.02 22.82 7.98
N LEU C 44 -20.22 22.94 9.04
CA LEU C 44 -19.12 23.93 9.09
C LEU C 44 -18.10 23.62 7.98
N GLY C 45 -17.63 22.37 7.87
CA GLY C 45 -16.64 21.92 6.88
C GLY C 45 -17.08 22.19 5.45
N VAL C 46 -18.29 21.76 5.09
CA VAL C 46 -18.83 21.90 3.70
C VAL C 46 -18.98 23.39 3.37
N SER C 47 -19.28 24.23 4.35
CA SER C 47 -19.48 25.70 4.17
C SER C 47 -18.14 26.32 3.81
N LEU C 48 -17.10 25.99 4.59
CA LEU C 48 -15.72 26.48 4.39
C LEU C 48 -15.22 26.03 3.01
N ILE C 49 -15.58 24.82 2.58
CA ILE C 49 -15.19 24.31 1.23
C ILE C 49 -15.85 25.22 0.18
N GLY C 50 -17.16 25.47 0.31
CA GLY C 50 -17.95 26.35 -0.56
C GLY C 50 -17.39 27.76 -0.60
N TYR C 51 -17.03 28.31 0.56
CA TYR C 51 -16.43 29.67 0.68
C TYR C 51 -15.08 29.68 -0.05
N ALA C 52 -14.19 28.72 0.21
CA ALA C 52 -12.85 28.58 -0.44
C ALA C 52 -13.02 28.47 -1.95
N ALA C 53 -13.88 27.58 -2.42
CA ALA C 53 -14.21 27.33 -3.85
C ALA C 53 -14.63 28.63 -4.54
N SER C 54 -15.43 29.46 -3.87
CA SER C 54 -16.01 30.72 -4.45
C SER C 54 -14.89 31.74 -4.73
N GLN C 55 -13.80 31.70 -3.96
CA GLN C 55 -12.64 32.62 -4.07
C GLN C 55 -11.66 32.10 -5.14
N GLY C 56 -11.68 30.79 -5.43
CA GLY C 56 -10.77 30.14 -6.38
C GLY C 56 -11.24 30.32 -7.82
N PRO C 57 -10.50 29.77 -8.82
CA PRO C 57 -10.83 29.99 -10.23
C PRO C 57 -12.19 29.42 -10.66
N THR C 58 -12.47 28.17 -10.28
CA THR C 58 -13.51 27.29 -10.91
C THR C 58 -14.49 26.74 -9.87
N TRP C 59 -15.62 26.24 -10.35
CA TRP C 59 -16.69 25.58 -9.55
C TRP C 59 -16.75 24.07 -9.85
N ASP C 60 -16.01 23.59 -10.85
CA ASP C 60 -15.80 22.16 -11.20
C ASP C 60 -15.32 21.40 -9.96
N PRO C 61 -16.16 20.53 -9.33
CA PRO C 61 -15.74 19.81 -8.12
C PRO C 61 -14.46 18.96 -8.23
N PHE C 62 -14.03 18.55 -9.44
CA PHE C 62 -12.85 17.66 -9.65
C PHE C 62 -11.57 18.50 -9.86
N ALA C 63 -11.69 19.82 -10.02
CA ALA C 63 -10.56 20.78 -10.13
C ALA C 63 -10.37 21.57 -8.84
N ILE C 64 -11.41 21.65 -7.99
CA ILE C 64 -11.31 22.32 -6.67
C ILE C 64 -10.19 21.66 -5.88
N SER C 65 -9.36 22.47 -5.22
CA SER C 65 -8.25 22.01 -4.37
C SER C 65 -7.98 23.06 -3.29
N ILE C 66 -8.22 22.73 -2.03
CA ILE C 66 -7.90 23.59 -0.87
C ILE C 66 -6.58 23.06 -0.32
N ASN C 67 -5.50 23.85 -0.45
CA ASN C 67 -4.12 23.38 -0.19
C ASN C 67 -3.65 23.93 1.15
N PRO C 68 -2.73 23.23 1.82
CA PRO C 68 -2.12 23.74 3.05
C PRO C 68 -1.21 24.93 2.76
N PRO C 69 -0.64 25.59 3.79
CA PRO C 69 0.22 26.75 3.56
C PRO C 69 1.61 26.39 3.00
N ASP C 70 2.32 27.39 2.44
CA ASP C 70 3.77 27.32 2.12
C ASP C 70 4.51 26.91 3.40
N LEU C 71 5.69 26.28 3.29
CA LEU C 71 6.51 25.80 4.44
C LEU C 71 6.85 26.98 5.36
N LYS C 72 7.10 28.17 4.80
CA LYS C 72 7.47 29.43 5.53
C LYS C 72 6.66 29.58 6.82
N TYR C 73 5.34 29.34 6.76
CA TYR C 73 4.38 29.62 7.85
C TYR C 73 4.59 28.65 9.02
N GLY C 74 5.46 27.64 8.88
CA GLY C 74 5.71 26.63 9.95
C GLY C 74 4.42 26.08 10.52
N LEU C 75 4.35 25.93 11.86
CA LEU C 75 3.18 25.44 12.62
C LEU C 75 2.26 26.61 13.01
N GLY C 76 2.53 27.82 12.51
CA GLY C 76 1.72 29.02 12.79
C GLY C 76 0.42 28.97 12.04
N ALA C 77 -0.41 30.00 12.20
CA ALA C 77 -1.66 30.20 11.43
C ALA C 77 -1.31 30.93 10.14
N ALA C 78 -2.13 30.75 9.10
CA ALA C 78 -1.91 31.31 7.74
C ALA C 78 -3.15 32.05 7.27
N PRO C 79 -3.01 33.01 6.34
CA PRO C 79 -4.18 33.68 5.77
C PRO C 79 -5.12 32.61 5.17
N LEU C 80 -6.42 32.83 5.29
CA LEU C 80 -7.48 31.92 4.79
C LEU C 80 -7.17 31.49 3.36
N LEU C 81 -7.00 32.42 2.42
CA LEU C 81 -6.74 32.14 0.99
C LEU C 81 -5.45 31.30 0.86
N GLU C 82 -4.46 31.54 1.71
CA GLU C 82 -3.05 31.03 1.59
C GLU C 82 -2.84 29.82 2.50
N GLY C 83 -3.89 29.06 2.87
CA GLY C 83 -3.75 27.83 3.66
C GLY C 83 -4.59 27.81 4.93
N GLY C 84 -5.14 28.96 5.34
CA GLY C 84 -6.00 29.05 6.54
C GLY C 84 -7.26 28.20 6.40
N PHE C 85 -7.90 28.26 5.25
CA PHE C 85 -9.08 27.42 4.92
C PHE C 85 -8.73 25.95 5.19
N TRP C 86 -7.58 25.50 4.67
CA TRP C 86 -7.05 24.13 4.84
C TRP C 86 -7.03 23.77 6.33
N GLN C 87 -6.53 24.67 7.18
CA GLN C 87 -6.34 24.42 8.64
C GLN C 87 -7.72 24.26 9.31
N ALA C 88 -8.66 25.14 8.96
CA ALA C 88 -10.02 25.17 9.55
C ALA C 88 -10.71 23.86 9.20
N ILE C 89 -10.63 23.47 7.92
CA ILE C 89 -11.31 22.28 7.33
C ILE C 89 -10.75 21.01 7.98
N THR C 90 -9.46 20.98 8.31
CA THR C 90 -8.81 19.81 8.96
C THR C 90 -9.43 19.61 10.34
N VAL C 91 -9.65 20.70 11.08
CA VAL C 91 -10.24 20.66 12.43
C VAL C 91 -11.68 20.15 12.32
N CYS C 92 -12.46 20.63 11.35
CA CYS C 92 -13.86 20.18 11.14
C CYS C 92 -13.88 18.67 10.80
N ALA C 93 -13.03 18.23 9.85
CA ALA C 93 -12.85 16.81 9.47
C ALA C 93 -12.59 15.96 10.73
N LEU C 94 -11.60 16.31 11.54
CA LEU C 94 -11.31 15.59 12.82
C LEU C 94 -12.59 15.53 13.67
N GLY C 95 -13.27 16.68 13.80
CA GLY C 95 -14.50 16.83 14.59
C GLY C 95 -15.55 15.84 14.12
N ALA C 96 -15.83 15.83 12.82
CA ALA C 96 -16.83 14.97 12.15
C ALA C 96 -16.49 13.48 12.36
N PHE C 97 -15.21 13.09 12.15
CA PHE C 97 -14.77 11.67 12.19
C PHE C 97 -14.90 11.16 13.63
N ILE C 98 -14.39 11.93 14.60
CA ILE C 98 -14.44 11.52 16.04
C ILE C 98 -15.89 11.47 16.51
N SER C 99 -16.72 12.45 16.12
CA SER C 99 -18.18 12.45 16.40
C SER C 99 -18.77 11.13 15.87
N TRP C 100 -18.45 10.77 14.63
CA TRP C 100 -19.03 9.60 13.91
C TRP C 100 -18.68 8.32 14.66
N MET C 101 -17.45 8.24 15.13
CA MET C 101 -16.94 7.09 15.90
C MET C 101 -17.72 6.94 17.21
N LEU C 102 -17.97 8.05 17.94
CA LEU C 102 -18.60 8.01 19.29
C LEU C 102 -20.11 7.74 19.15
N ARG C 103 -20.72 8.23 18.08
CA ARG C 103 -22.12 7.89 17.70
C ARG C 103 -22.23 6.37 17.49
N GLU C 104 -21.23 5.73 16.91
CA GLU C 104 -21.26 4.26 16.69
C GLU C 104 -21.23 3.55 18.04
N VAL C 105 -20.56 4.13 19.04
CA VAL C 105 -20.49 3.55 20.42
C VAL C 105 -21.90 3.59 21.04
N GLU C 106 -22.61 4.70 20.91
CA GLU C 106 -23.97 4.88 21.47
C GLU C 106 -24.90 3.84 20.85
N ILE C 107 -24.82 3.65 19.53
CA ILE C 107 -25.63 2.65 18.78
C ILE C 107 -25.25 1.24 19.24
N SER C 108 -23.98 0.93 19.35
CA SER C 108 -23.51 -0.37 19.88
C SER C 108 -24.15 -0.66 21.25
N ARG C 109 -24.13 0.32 22.14
CA ARG C 109 -24.60 0.17 23.55
C ARG C 109 -26.11 -0.07 23.57
N LYS C 110 -26.88 0.68 22.77
CA LYS C 110 -28.35 0.51 22.67
C LYS C 110 -28.70 -0.92 22.25
N LEU C 111 -27.92 -1.53 21.35
CA LEU C 111 -28.19 -2.86 20.77
C LEU C 111 -27.54 -3.96 21.63
N GLY C 112 -26.75 -3.57 22.62
CA GLY C 112 -26.08 -4.54 23.52
C GLY C 112 -25.08 -5.42 22.77
N ILE C 113 -24.36 -4.84 21.80
CA ILE C 113 -23.31 -5.54 20.99
C ILE C 113 -21.93 -4.98 21.35
N GLY C 114 -20.87 -5.70 21.03
CA GLY C 114 -19.47 -5.25 21.16
C GLY C 114 -19.22 -3.91 20.46
N TRP C 115 -18.18 -3.21 20.90
CA TRP C 115 -17.82 -1.86 20.40
C TRP C 115 -16.81 -2.00 19.25
N HIS C 116 -16.70 -3.17 18.62
CA HIS C 116 -15.57 -3.52 17.72
C HIS C 116 -15.54 -2.58 16.51
N VAL C 117 -16.70 -2.17 15.99
CA VAL C 117 -16.76 -1.35 14.75
C VAL C 117 -16.14 0.02 15.02
N PRO C 118 -16.65 0.83 15.98
CA PRO C 118 -16.03 2.12 16.28
C PRO C 118 -14.54 1.97 16.62
N LEU C 119 -14.14 0.90 17.30
CA LEU C 119 -12.70 0.63 17.58
C LEU C 119 -11.94 0.44 16.26
N ALA C 120 -12.46 -0.33 15.32
CA ALA C 120 -11.85 -0.56 14.01
C ALA C 120 -11.75 0.78 13.24
N PHE C 121 -12.78 1.62 13.38
CA PHE C 121 -12.90 2.92 12.67
C PHE C 121 -11.88 3.93 13.22
N CYS C 122 -11.34 3.72 14.42
CA CYS C 122 -10.22 4.54 14.97
C CYS C 122 -8.95 4.37 14.12
N VAL C 123 -8.76 3.23 13.45
CA VAL C 123 -7.51 2.97 12.67
C VAL C 123 -7.40 4.00 11.53
N PRO C 124 -8.38 4.13 10.62
CA PRO C 124 -8.29 5.14 9.56
C PRO C 124 -8.25 6.60 10.06
N ILE C 125 -8.83 6.87 11.23
CA ILE C 125 -8.76 8.23 11.87
C ILE C 125 -7.31 8.49 12.30
N PHE C 126 -6.69 7.52 12.96
CA PHE C 126 -5.26 7.55 13.35
C PHE C 126 -4.42 7.87 12.11
N MET C 127 -4.64 7.13 11.02
CA MET C 127 -3.80 7.24 9.81
C MET C 127 -3.97 8.64 9.22
N PHE C 128 -5.19 9.19 9.24
CA PHE C 128 -5.45 10.56 8.76
C PHE C 128 -4.63 11.55 9.62
N CYS C 129 -4.54 11.29 10.92
CA CYS C 129 -3.79 12.13 11.88
C CYS C 129 -2.29 12.03 11.60
N VAL C 130 -1.78 10.84 11.32
CA VAL C 130 -0.36 10.61 10.96
C VAL C 130 0.02 11.48 9.76
N LEU C 131 -0.84 11.51 8.73
CA LEU C 131 -0.54 12.22 7.45
C LEU C 131 -0.67 13.73 7.67
N GLN C 132 -1.73 14.16 8.36
CA GLN C 132 -2.14 15.58 8.40
C GLN C 132 -1.62 16.29 9.67
N VAL C 133 -1.25 15.57 10.73
CA VAL C 133 -0.97 16.19 12.06
C VAL C 133 0.41 15.74 12.56
N PHE C 134 0.63 14.46 12.85
CA PHE C 134 1.87 13.99 13.53
C PHE C 134 3.08 14.25 12.63
N ARG C 135 3.01 13.94 11.33
CA ARG C 135 4.18 14.01 10.43
C ARG C 135 4.52 15.49 10.21
N PRO C 136 3.56 16.36 9.86
CA PRO C 136 3.82 17.80 9.79
C PRO C 136 4.42 18.40 11.07
N LEU C 137 4.01 17.94 12.26
CA LEU C 137 4.54 18.45 13.55
C LEU C 137 6.04 18.11 13.61
N LEU C 138 6.39 16.86 13.37
CA LEU C 138 7.80 16.40 13.45
C LEU C 138 8.67 17.08 12.38
N LEU C 139 8.12 17.60 11.29
CA LEU C 139 8.91 18.31 10.24
C LEU C 139 8.82 19.83 10.44
N GLY C 140 7.95 20.30 11.34
CA GLY C 140 7.87 21.70 11.77
C GLY C 140 7.05 22.59 10.84
N SER C 141 6.20 22.04 9.97
CA SER C 141 5.31 22.87 9.11
C SER C 141 4.05 22.11 8.69
N TRP C 142 2.90 22.78 8.71
CA TRP C 142 1.60 22.27 8.18
C TRP C 142 1.70 22.06 6.66
N GLY C 143 2.68 22.69 6.01
CA GLY C 143 2.82 22.67 4.56
C GLY C 143 3.14 21.28 4.02
N HIS C 144 3.53 20.31 4.85
CA HIS C 144 3.88 18.91 4.47
C HIS C 144 2.62 18.03 4.33
N ALA C 145 1.47 18.54 4.72
CA ALA C 145 0.18 17.80 4.72
C ALA C 145 -0.34 17.74 3.29
N PHE C 146 -1.31 16.88 3.04
CA PHE C 146 -1.86 16.64 1.69
C PHE C 146 -3.02 17.60 1.48
N PRO C 147 -3.23 18.06 0.23
CA PRO C 147 -4.32 18.99 -0.07
C PRO C 147 -5.68 18.29 -0.26
N TYR C 148 -6.76 19.03 -0.04
CA TYR C 148 -8.16 18.57 -0.20
C TYR C 148 -8.61 18.91 -1.60
N GLY C 149 -8.33 18.00 -2.52
CA GLY C 149 -8.84 17.96 -3.91
C GLY C 149 -8.86 16.54 -4.42
N ILE C 150 -9.83 16.20 -5.27
CA ILE C 150 -10.07 14.78 -5.68
C ILE C 150 -8.85 14.28 -6.47
N LEU C 151 -8.31 15.10 -7.37
CA LEU C 151 -7.12 14.76 -8.18
C LEU C 151 -5.85 15.33 -7.54
N SER C 152 -5.89 16.51 -6.93
CA SER C 152 -4.65 17.15 -6.42
C SER C 152 -3.99 16.25 -5.36
N HIS C 153 -4.77 15.51 -4.55
CA HIS C 153 -4.22 14.64 -3.47
C HIS C 153 -3.34 13.52 -4.08
N LEU C 154 -3.59 13.09 -5.33
CA LEU C 154 -2.79 12.05 -6.03
C LEU C 154 -1.41 12.61 -6.40
N ASP C 155 -1.36 13.87 -6.84
CA ASP C 155 -0.11 14.59 -7.20
C ASP C 155 0.75 14.73 -5.94
N TRP C 156 0.15 14.98 -4.78
CA TRP C 156 0.87 15.02 -3.48
C TRP C 156 1.49 13.65 -3.18
N VAL C 157 0.71 12.56 -3.24
CA VAL C 157 1.20 11.18 -2.92
C VAL C 157 2.39 10.87 -3.83
N ASN C 158 2.26 11.25 -5.10
CA ASN C 158 3.23 10.99 -6.20
C ASN C 158 4.57 11.65 -5.84
N ASN C 159 4.55 12.97 -5.62
CA ASN C 159 5.76 13.78 -5.29
C ASN C 159 6.37 13.31 -3.96
N PHE C 160 5.54 13.05 -2.94
CA PHE C 160 6.00 12.54 -1.63
C PHE C 160 6.81 11.25 -1.87
N GLY C 161 6.27 10.30 -2.64
CA GLY C 161 6.97 9.04 -2.95
C GLY C 161 8.33 9.32 -3.57
N TYR C 162 8.35 10.18 -4.59
CA TYR C 162 9.58 10.42 -5.39
C TYR C 162 10.57 11.33 -4.65
N GLN C 163 10.16 11.95 -3.54
CA GLN C 163 11.12 12.66 -2.64
C GLN C 163 12.09 11.64 -2.03
N TYR C 164 11.72 10.35 -1.95
CA TYR C 164 12.58 9.28 -1.39
C TYR C 164 13.01 8.32 -2.52
N LEU C 165 13.04 8.85 -3.75
CA LEU C 165 13.60 8.26 -5.01
C LEU C 165 12.77 7.06 -5.49
N ASN C 166 12.67 6.01 -4.68
CA ASN C 166 11.74 4.89 -4.94
C ASN C 166 11.09 4.47 -3.63
N TRP C 167 9.84 4.92 -3.43
CA TRP C 167 9.02 4.68 -2.22
C TRP C 167 8.71 3.19 -2.07
N HIS C 168 8.70 2.41 -3.15
CA HIS C 168 8.44 0.93 -3.11
C HIS C 168 9.46 0.23 -2.21
N TYR C 169 10.67 0.78 -2.03
CA TYR C 169 11.71 0.10 -1.22
C TYR C 169 11.54 0.47 0.27
N ASN C 170 10.50 1.22 0.62
CA ASN C 170 10.24 1.64 2.01
C ASN C 170 9.71 0.42 2.75
N PRO C 171 10.37 -0.04 3.84
CA PRO C 171 9.97 -1.28 4.52
C PRO C 171 8.56 -1.19 5.13
N GLY C 172 8.18 -0.05 5.69
CA GLY C 172 6.80 0.16 6.17
C GLY C 172 5.79 0.00 5.03
N HIS C 173 6.08 0.52 3.83
CA HIS C 173 5.22 0.45 2.62
C HIS C 173 5.09 -1.01 2.17
N MET C 174 6.17 -1.78 2.20
CA MET C 174 6.17 -3.20 1.75
C MET C 174 5.17 -4.00 2.58
N SER C 175 5.21 -3.81 3.90
CA SER C 175 4.27 -4.37 4.88
C SER C 175 2.83 -3.93 4.54
N SER C 176 2.61 -2.62 4.45
CA SER C 176 1.28 -2.01 4.19
C SER C 176 0.66 -2.63 2.92
N VAL C 177 1.41 -2.70 1.83
CA VAL C 177 0.93 -3.21 0.51
C VAL C 177 0.58 -4.69 0.66
N SER C 178 1.41 -5.43 1.38
CA SER C 178 1.24 -6.89 1.61
C SER C 178 -0.11 -7.12 2.30
N PHE C 179 -0.42 -6.32 3.31
CA PHE C 179 -1.72 -6.41 4.05
C PHE C 179 -2.87 -5.99 3.12
N LEU C 180 -2.73 -4.95 2.29
CA LEU C 180 -3.79 -4.53 1.33
C LEU C 180 -4.13 -5.69 0.37
N PHE C 181 -3.12 -6.38 -0.16
CA PHE C 181 -3.27 -7.48 -1.14
C PHE C 181 -3.90 -8.71 -0.47
N VAL C 182 -3.33 -9.17 0.64
CA VAL C 182 -3.83 -10.40 1.31
C VAL C 182 -5.25 -10.11 1.83
N ASN C 183 -5.52 -8.90 2.28
CA ASN C 183 -6.87 -8.53 2.78
C ASN C 183 -7.89 -8.66 1.63
N ALA C 184 -7.58 -8.12 0.45
CA ALA C 184 -8.48 -8.12 -0.71
C ALA C 184 -8.76 -9.58 -1.12
N MET C 185 -7.73 -10.42 -1.11
CA MET C 185 -7.79 -11.87 -1.43
C MET C 185 -8.67 -12.60 -0.40
N ALA C 186 -8.41 -12.39 0.88
CA ALA C 186 -9.12 -13.06 2.00
C ALA C 186 -10.62 -12.72 1.95
N LEU C 187 -11.00 -11.46 1.68
CA LEU C 187 -12.43 -11.03 1.55
C LEU C 187 -13.09 -11.79 0.39
N GLY C 188 -12.39 -11.88 -0.76
CA GLY C 188 -12.83 -12.68 -1.91
C GLY C 188 -13.10 -14.13 -1.50
N LEU C 189 -12.13 -14.75 -0.86
CA LEU C 189 -12.22 -16.15 -0.36
C LEU C 189 -13.38 -16.30 0.62
N HIS C 190 -13.47 -15.43 1.61
CA HIS C 190 -14.51 -15.51 2.67
C HIS C 190 -15.89 -15.32 2.04
N GLY C 191 -16.07 -14.24 1.28
CA GLY C 191 -17.32 -13.94 0.53
C GLY C 191 -17.70 -15.11 -0.39
N GLY C 192 -16.77 -15.58 -1.21
CA GLY C 192 -16.98 -16.73 -2.11
C GLY C 192 -17.41 -17.98 -1.36
N LEU C 193 -16.77 -18.29 -0.21
CA LEU C 193 -17.06 -19.52 0.55
C LEU C 193 -18.50 -19.47 1.07
N ILE C 194 -18.88 -18.38 1.70
CA ILE C 194 -20.25 -18.25 2.26
C ILE C 194 -21.26 -18.42 1.11
N LEU C 195 -21.04 -17.76 -0.03
CA LEU C 195 -21.99 -17.81 -1.15
C LEU C 195 -22.06 -19.25 -1.69
N SER C 196 -20.93 -19.94 -1.74
CA SER C 196 -20.82 -21.32 -2.28
C SER C 196 -21.65 -22.30 -1.44
N VAL C 197 -21.78 -22.05 -0.15
CA VAL C 197 -22.49 -22.94 0.82
C VAL C 197 -24.00 -22.66 0.78
N ALA C 198 -24.40 -21.41 0.67
CA ALA C 198 -25.82 -20.98 0.74
C ALA C 198 -26.48 -21.09 -0.64
N ASN C 199 -25.67 -21.18 -1.69
CA ASN C 199 -26.14 -21.19 -3.10
C ASN C 199 -25.31 -22.19 -3.89
N PRO C 200 -25.47 -23.50 -3.63
CA PRO C 200 -24.73 -24.53 -4.38
C PRO C 200 -25.18 -24.73 -5.83
N GLY C 201 -26.34 -24.21 -6.20
CA GLY C 201 -26.90 -24.27 -7.57
C GLY C 201 -27.96 -25.36 -7.69
N ASP C 202 -28.88 -25.20 -8.65
CA ASP C 202 -29.68 -26.28 -9.29
C ASP C 202 -30.66 -26.94 -8.30
N GLY C 203 -31.28 -26.16 -7.41
CA GLY C 203 -32.12 -26.70 -6.33
C GLY C 203 -31.43 -27.80 -5.51
N ASP C 204 -30.10 -27.77 -5.40
CA ASP C 204 -29.33 -28.65 -4.47
C ASP C 204 -29.42 -28.04 -3.07
N LYS C 205 -29.04 -28.81 -2.04
CA LYS C 205 -29.26 -28.41 -0.62
C LYS C 205 -28.09 -27.53 -0.14
N VAL C 206 -28.44 -26.52 0.65
CA VAL C 206 -27.50 -25.68 1.44
C VAL C 206 -26.60 -26.62 2.24
N LYS C 207 -25.30 -26.33 2.28
CA LYS C 207 -24.32 -27.17 3.01
C LYS C 207 -24.08 -26.58 4.41
N THR C 208 -22.94 -26.92 5.03
CA THR C 208 -22.78 -26.90 6.51
C THR C 208 -21.43 -26.27 6.85
N ALA C 209 -21.23 -25.98 8.12
CA ALA C 209 -19.93 -25.61 8.72
C ALA C 209 -18.87 -26.67 8.37
N GLU C 210 -19.25 -27.95 8.41
CA GLU C 210 -18.34 -29.09 8.16
C GLU C 210 -17.86 -29.02 6.71
N HIS C 211 -18.74 -28.68 5.78
CA HIS C 211 -18.39 -28.49 4.34
C HIS C 211 -17.37 -27.36 4.20
N GLU C 212 -17.55 -26.26 4.93
CA GLU C 212 -16.65 -25.07 4.86
C GLU C 212 -15.23 -25.49 5.25
N ASN C 213 -15.10 -26.16 6.40
CA ASN C 213 -13.80 -26.62 6.95
C ASN C 213 -13.19 -27.64 5.98
N GLN C 214 -14.00 -28.54 5.44
CA GLN C 214 -13.49 -29.58 4.52
C GLN C 214 -12.90 -28.91 3.28
N TYR C 215 -13.59 -27.93 2.70
CA TYR C 215 -13.19 -27.33 1.40
C TYR C 215 -11.73 -26.82 1.49
N PHE C 216 -11.41 -26.09 2.56
CA PHE C 216 -10.09 -25.42 2.71
C PHE C 216 -9.04 -26.41 3.20
N ARG C 217 -9.41 -27.36 4.06
CA ARG C 217 -8.51 -28.48 4.41
C ARG C 217 -8.07 -29.18 3.12
N ASP C 218 -9.00 -29.49 2.22
CA ASP C 218 -8.67 -30.13 0.92
C ASP C 218 -7.72 -29.22 0.13
N VAL C 219 -8.08 -27.95 -0.06
CA VAL C 219 -7.36 -27.04 -0.99
C VAL C 219 -5.99 -26.63 -0.41
N VAL C 220 -5.88 -26.29 0.88
CA VAL C 220 -4.59 -25.77 1.44
C VAL C 220 -4.15 -26.52 2.71
N GLY C 221 -4.92 -27.49 3.20
CA GLY C 221 -4.49 -28.33 4.33
C GLY C 221 -4.77 -27.67 5.68
N TYR C 222 -5.52 -26.58 5.68
CA TYR C 222 -5.92 -25.86 6.91
C TYR C 222 -7.18 -25.05 6.65
N SER C 223 -8.03 -24.97 7.66
CA SER C 223 -9.23 -24.10 7.71
C SER C 223 -9.19 -23.36 9.05
N ILE C 224 -9.24 -22.02 9.03
CA ILE C 224 -9.03 -21.22 10.26
C ILE C 224 -10.32 -21.26 11.10
N GLY C 225 -11.48 -21.41 10.47
CA GLY C 225 -12.77 -21.46 11.18
C GLY C 225 -13.56 -20.17 11.04
N ALA C 226 -14.84 -20.25 11.39
CA ALA C 226 -15.88 -19.25 11.03
C ALA C 226 -15.67 -17.97 11.83
N LEU C 227 -15.54 -18.08 13.15
CA LEU C 227 -15.30 -16.90 14.00
C LEU C 227 -13.95 -16.29 13.63
N SER C 228 -12.92 -17.12 13.51
CA SER C 228 -11.51 -16.72 13.39
C SER C 228 -11.24 -15.95 12.09
N ILE C 229 -11.94 -16.28 11.00
CA ILE C 229 -11.76 -15.59 9.69
C ILE C 229 -12.22 -14.12 9.85
N HIS C 230 -13.21 -13.87 10.70
CA HIS C 230 -13.71 -12.48 10.94
C HIS C 230 -12.67 -11.74 11.78
N ARG C 231 -12.08 -12.38 12.78
CA ARG C 231 -11.01 -11.76 13.60
C ARG C 231 -9.78 -11.50 12.71
N LEU C 232 -9.40 -12.49 11.89
CA LEU C 232 -8.25 -12.36 10.95
C LEU C 232 -8.52 -11.18 10.02
N GLY C 233 -9.72 -11.07 9.45
CA GLY C 233 -10.04 -10.02 8.48
C GLY C 233 -9.85 -8.64 9.09
N LEU C 234 -10.31 -8.46 10.33
CA LEU C 234 -10.15 -7.18 11.07
C LEU C 234 -8.65 -6.94 11.28
N PHE C 235 -7.91 -7.99 11.62
CA PHE C 235 -6.43 -7.94 11.78
C PHE C 235 -5.75 -7.50 10.47
N LEU C 236 -6.07 -8.13 9.35
CA LEU C 236 -5.37 -7.87 8.05
C LEU C 236 -5.68 -6.44 7.60
N ALA C 237 -6.95 -6.06 7.61
CA ALA C 237 -7.39 -4.72 7.18
C ALA C 237 -6.70 -3.67 8.05
N SER C 238 -6.76 -3.85 9.36
CA SER C 238 -6.25 -2.86 10.34
C SER C 238 -4.75 -2.65 10.11
N ASN C 239 -4.03 -3.72 9.80
CA ASN C 239 -2.54 -3.69 9.66
C ASN C 239 -2.13 -2.97 8.37
N ILE C 240 -3.01 -2.81 7.39
CA ILE C 240 -2.71 -1.95 6.20
C ILE C 240 -2.15 -0.61 6.73
N PHE C 241 -2.80 -0.04 7.74
CA PHE C 241 -2.47 1.31 8.28
C PHE C 241 -1.56 1.23 9.50
N LEU C 242 -1.71 0.23 10.37
CA LEU C 242 -0.88 0.13 11.60
C LEU C 242 0.59 -0.07 11.20
N THR C 243 0.87 -0.85 10.16
CA THR C 243 2.27 -1.00 9.64
C THR C 243 2.60 0.20 8.75
N GLY C 244 1.66 0.71 7.95
CA GLY C 244 1.88 1.82 7.02
C GLY C 244 2.36 3.08 7.74
N ALA C 245 1.70 3.42 8.85
CA ALA C 245 1.99 4.59 9.71
C ALA C 245 3.49 4.72 9.99
N PHE C 246 4.20 3.63 10.29
CA PHE C 246 5.67 3.67 10.60
C PHE C 246 6.46 4.05 9.34
N GLY C 247 6.07 3.59 8.16
CA GLY C 247 6.74 3.96 6.90
C GLY C 247 6.54 5.42 6.55
N THR C 248 5.35 5.97 6.83
CA THR C 248 5.04 7.40 6.55
C THR C 248 5.83 8.31 7.51
N ILE C 249 5.78 8.02 8.80
CA ILE C 249 6.35 8.86 9.89
C ILE C 249 7.88 8.83 9.75
N ALA C 250 8.44 7.70 9.33
CA ALA C 250 9.91 7.50 9.19
C ALA C 250 10.44 8.39 8.08
N SER C 251 9.62 8.73 7.09
CA SER C 251 10.02 9.41 5.84
C SER C 251 10.08 10.93 6.05
N GLY C 252 11.29 11.44 6.24
CA GLY C 252 11.61 12.85 6.57
C GLY C 252 12.21 12.93 7.98
N PRO C 253 11.37 12.74 9.03
CA PRO C 253 11.85 12.86 10.41
C PRO C 253 12.93 11.86 10.84
N PHE C 254 12.93 10.64 10.32
CA PHE C 254 13.84 9.55 10.74
C PHE C 254 14.66 9.02 9.55
N TRP C 255 14.51 9.60 8.36
CA TRP C 255 15.23 9.14 7.13
C TRP C 255 15.09 10.19 6.04
N THR C 256 16.21 10.66 5.48
CA THR C 256 16.25 11.78 4.50
C THR C 256 16.76 11.29 3.14
N ARG C 257 17.32 10.09 3.06
CA ARG C 257 17.89 9.55 1.80
C ARG C 257 16.80 8.77 1.05
N GLY C 258 17.12 8.27 -0.15
CA GLY C 258 16.25 7.35 -0.88
C GLY C 258 16.01 6.10 -0.04
N TRP C 259 14.86 5.46 -0.22
CA TRP C 259 14.51 4.23 0.51
C TRP C 259 15.37 3.05 0.07
N PRO C 260 15.73 2.86 -1.22
CA PRO C 260 16.65 1.77 -1.59
C PRO C 260 17.93 1.76 -0.73
N GLU C 261 18.50 2.94 -0.46
CA GLU C 261 19.81 3.09 0.23
C GLU C 261 19.68 2.60 1.68
N TRP C 262 18.49 2.68 2.26
CA TRP C 262 18.21 2.16 3.62
C TRP C 262 18.66 0.71 3.75
N TRP C 263 18.52 -0.08 2.68
CA TRP C 263 18.82 -1.54 2.69
C TRP C 263 20.34 -1.78 2.74
N GLY C 264 21.15 -0.70 2.66
CA GLY C 264 22.58 -0.68 2.99
C GLY C 264 22.90 -1.35 4.32
N TRP C 265 22.06 -1.22 5.35
CA TRP C 265 22.28 -1.88 6.66
C TRP C 265 22.55 -3.38 6.42
N TRP C 266 21.91 -3.97 5.41
CA TRP C 266 22.03 -5.40 5.05
C TRP C 266 23.16 -5.58 4.03
N LEU C 267 23.12 -4.84 2.93
CA LEU C 267 24.03 -5.06 1.78
C LEU C 267 25.48 -4.80 2.20
N ASP C 268 25.73 -3.82 3.08
CA ASP C 268 27.08 -3.26 3.38
C ASP C 268 27.65 -3.88 4.67
N ILE C 269 27.10 -4.99 5.14
CA ILE C 269 27.68 -5.73 6.30
C ILE C 269 29.09 -6.11 5.89
N PRO C 270 30.13 -5.73 6.67
CA PRO C 270 31.52 -5.96 6.27
C PRO C 270 31.88 -7.38 5.83
N PHE C 271 31.33 -8.41 6.47
CA PHE C 271 31.80 -9.80 6.32
C PHE C 271 31.45 -10.38 4.93
N TRP C 272 30.51 -9.79 4.16
CA TRP C 272 30.22 -10.24 2.77
C TRP C 272 30.39 -9.10 1.76
N SER C 273 30.89 -7.93 2.20
CA SER C 273 31.07 -6.73 1.35
C SER C 273 32.31 -6.91 0.47
N ALA D 1 -16.05 -6.90 28.31
CA ALA D 1 -15.37 -7.33 27.06
C ALA D 1 -15.68 -8.80 26.77
N ASP D 2 -16.03 -9.13 25.52
CA ASP D 2 -16.10 -10.54 25.04
C ASP D 2 -14.67 -11.00 24.74
N TYR D 3 -14.04 -11.69 25.68
CA TYR D 3 -12.64 -12.18 25.57
C TYR D 3 -12.54 -13.22 24.46
N GLN D 4 -13.67 -13.86 24.11
CA GLN D 4 -13.75 -14.87 23.02
C GLN D 4 -13.45 -14.21 21.67
N THR D 5 -13.72 -12.90 21.52
CA THR D 5 -13.42 -12.16 20.27
C THR D 5 -11.91 -11.97 20.13
N ILE D 6 -11.12 -12.13 21.20
CA ILE D 6 -9.63 -11.98 21.16
C ILE D 6 -8.99 -13.36 21.00
N TYR D 7 -9.40 -14.34 21.79
CA TYR D 7 -8.82 -15.71 21.73
C TYR D 7 -9.79 -16.71 22.36
N THR D 8 -9.57 -17.99 22.09
CA THR D 8 -10.33 -19.11 22.69
C THR D 8 -9.77 -19.39 24.09
N GLN D 9 -10.54 -19.03 25.14
CA GLN D 9 -10.19 -19.26 26.57
C GLN D 9 -10.04 -20.76 26.82
N ILE D 10 -11.04 -21.57 26.47
CA ILE D 10 -11.04 -23.06 26.64
C ILE D 10 -11.24 -23.72 25.27
N GLN D 11 -10.22 -24.46 24.80
CA GLN D 11 -10.24 -25.19 23.50
C GLN D 11 -10.89 -26.56 23.71
N ALA D 12 -11.72 -26.97 22.74
CA ALA D 12 -12.33 -28.31 22.64
C ALA D 12 -11.41 -29.20 21.79
N ARG D 13 -11.38 -30.49 22.10
CA ARG D 13 -10.77 -31.56 21.28
C ARG D 13 -11.84 -32.64 21.11
N GLY D 14 -11.86 -33.27 19.93
CA GLY D 14 -12.88 -34.28 19.58
C GLY D 14 -12.38 -35.11 18.40
N PRO D 15 -13.17 -36.09 17.92
CA PRO D 15 -12.78 -36.88 16.75
C PRO D 15 -12.75 -36.04 15.46
N HIS D 16 -11.73 -36.30 14.64
CA HIS D 16 -11.48 -35.73 13.29
C HIS D 16 -12.69 -35.99 12.38
N ILE D 17 -13.39 -34.92 11.96
CA ILE D 17 -14.53 -34.97 10.98
C ILE D 17 -13.98 -35.07 9.57
N THR D 18 -14.64 -35.87 8.72
CA THR D 18 -14.38 -35.97 7.26
C THR D 18 -15.73 -35.87 6.56
N VAL D 19 -15.89 -34.89 5.65
CA VAL D 19 -17.05 -34.80 4.74
C VAL D 19 -16.64 -35.43 3.41
N SER D 20 -17.40 -36.43 2.98
CA SER D 20 -17.15 -37.22 1.76
C SER D 20 -17.55 -36.37 0.54
N GLY D 21 -16.71 -36.36 -0.49
CA GLY D 21 -17.04 -35.79 -1.82
C GLY D 21 -17.30 -36.88 -2.85
N GLU D 22 -17.92 -36.53 -3.97
CA GLU D 22 -18.35 -37.47 -5.04
C GLU D 22 -17.13 -38.21 -5.61
N TRP D 23 -15.93 -37.63 -5.50
CA TRP D 23 -14.66 -38.28 -5.90
C TRP D 23 -13.51 -37.77 -5.03
N GLY D 24 -12.41 -38.51 -4.98
CA GLY D 24 -11.11 -38.04 -4.46
C GLY D 24 -10.86 -38.39 -3.00
N ASP D 25 -11.84 -38.94 -2.26
CA ASP D 25 -11.70 -39.26 -0.80
C ASP D 25 -10.39 -39.99 -0.53
N ASN D 26 -9.92 -40.83 -1.45
CA ASN D 26 -8.72 -41.70 -1.25
C ASN D 26 -7.42 -40.91 -1.51
N ASP D 27 -7.50 -39.71 -2.10
CA ASP D 27 -6.33 -38.85 -2.41
C ASP D 27 -6.04 -37.86 -1.26
N ARG D 28 -6.70 -37.98 -0.12
CA ARG D 28 -6.40 -37.19 1.11
C ARG D 28 -5.25 -37.86 1.87
N VAL D 29 -4.16 -37.12 2.10
CA VAL D 29 -2.87 -37.65 2.62
C VAL D 29 -2.52 -36.94 3.93
N GLY D 30 -1.97 -37.68 4.88
CA GLY D 30 -1.48 -37.15 6.17
C GLY D 30 -2.39 -37.54 7.30
N LYS D 31 -1.84 -37.56 8.51
CA LYS D 31 -2.61 -37.71 9.77
C LYS D 31 -2.83 -36.31 10.31
N PRO D 32 -4.08 -35.89 10.63
CA PRO D 32 -4.31 -34.58 11.24
C PRO D 32 -3.50 -34.50 12.55
N PHE D 33 -3.00 -33.31 12.88
CA PHE D 33 -2.33 -33.06 14.18
C PHE D 33 -2.78 -31.67 14.69
N TYR D 34 -2.86 -31.53 16.00
CA TYR D 34 -3.44 -30.36 16.70
C TYR D 34 -2.29 -29.52 17.25
N SER D 35 -2.46 -28.20 17.22
CA SER D 35 -1.48 -27.21 17.72
C SER D 35 -2.18 -26.34 18.75
N TYR D 36 -1.76 -26.43 20.02
CA TYR D 36 -2.41 -25.73 21.15
C TYR D 36 -2.38 -24.21 20.87
N TRP D 37 -1.31 -23.72 20.25
CA TRP D 37 -1.03 -22.26 20.11
C TRP D 37 -1.84 -21.67 18.96
N LEU D 38 -1.90 -22.36 17.81
CA LEU D 38 -2.81 -22.03 16.69
C LEU D 38 -4.25 -21.99 17.23
N GLY D 39 -4.60 -22.95 18.10
CA GLY D 39 -5.97 -23.16 18.63
C GLY D 39 -6.45 -22.00 19.48
N LYS D 40 -5.54 -21.13 19.91
CA LYS D 40 -5.90 -19.88 20.64
C LYS D 40 -6.63 -18.92 19.69
N ILE D 41 -6.15 -18.77 18.45
CA ILE D 41 -6.64 -17.69 17.52
C ILE D 41 -7.31 -18.32 16.28
N GLY D 42 -7.36 -19.64 16.20
CA GLY D 42 -8.12 -20.34 15.15
C GLY D 42 -8.39 -21.78 15.52
N ASP D 43 -8.62 -22.61 14.50
CA ASP D 43 -8.85 -24.06 14.63
C ASP D 43 -7.49 -24.74 14.83
N ALA D 44 -7.41 -25.68 15.76
CA ALA D 44 -6.16 -26.36 16.20
C ALA D 44 -5.69 -27.34 15.13
N GLN D 45 -6.59 -27.81 14.26
CA GLN D 45 -6.28 -28.97 13.37
C GLN D 45 -5.50 -28.50 12.14
N ILE D 46 -4.37 -29.15 11.89
CA ILE D 46 -3.55 -29.01 10.65
C ILE D 46 -3.66 -30.33 9.88
N GLY D 47 -3.85 -30.26 8.56
CA GLY D 47 -4.08 -31.45 7.71
C GLY D 47 -5.42 -32.12 7.99
N PRO D 48 -5.76 -33.19 7.25
CA PRO D 48 -4.94 -33.67 6.14
C PRO D 48 -5.08 -32.75 4.92
N ILE D 49 -4.35 -33.03 3.83
CA ILE D 49 -4.49 -32.27 2.55
C ILE D 49 -4.91 -33.23 1.44
N TYR D 50 -5.68 -32.71 0.49
CA TYR D 50 -6.05 -33.40 -0.76
C TYR D 50 -4.90 -33.24 -1.76
N LEU D 51 -4.47 -34.33 -2.41
CA LEU D 51 -3.46 -34.30 -3.49
C LEU D 51 -4.20 -34.16 -4.83
N GLY D 52 -4.57 -35.28 -5.45
CA GLY D 52 -5.14 -35.33 -6.80
C GLY D 52 -4.12 -34.89 -7.84
N ALA D 53 -4.49 -35.01 -9.11
CA ALA D 53 -3.65 -34.79 -10.30
C ALA D 53 -3.34 -33.30 -10.49
N SER D 54 -4.33 -32.44 -10.31
CA SER D 54 -4.21 -30.97 -10.46
C SER D 54 -3.24 -30.43 -9.38
N GLY D 55 -3.30 -30.97 -8.16
CA GLY D 55 -2.34 -30.67 -7.08
C GLY D 55 -0.91 -30.98 -7.51
N ILE D 56 -0.66 -32.21 -7.95
CA ILE D 56 0.70 -32.70 -8.32
C ILE D 56 1.15 -31.95 -9.57
N ALA D 57 0.27 -31.78 -10.55
CA ALA D 57 0.58 -31.03 -11.79
C ALA D 57 1.02 -29.61 -11.40
N ALA D 58 0.31 -28.96 -10.47
CA ALA D 58 0.58 -27.56 -10.06
C ALA D 58 1.97 -27.48 -9.41
N PHE D 59 2.27 -28.36 -8.46
CA PHE D 59 3.57 -28.45 -7.73
C PHE D 59 4.70 -28.73 -8.71
N ALA D 60 4.48 -29.59 -9.70
CA ALA D 60 5.52 -29.99 -10.67
C ALA D 60 5.86 -28.78 -11.55
N PHE D 61 4.84 -28.16 -12.15
CA PHE D 61 4.97 -26.98 -13.05
C PHE D 61 5.56 -25.80 -12.27
N GLY D 62 5.07 -25.53 -11.05
CA GLY D 62 5.53 -24.42 -10.19
C GLY D 62 7.01 -24.54 -9.87
N SER D 63 7.43 -25.70 -9.35
CA SER D 63 8.82 -26.06 -9.02
C SER D 63 9.74 -25.87 -10.22
N THR D 64 9.29 -26.23 -11.43
CA THR D 64 10.09 -26.06 -12.68
C THR D 64 10.40 -24.56 -12.84
N ALA D 65 9.36 -23.72 -12.70
CA ALA D 65 9.44 -22.24 -12.82
C ALA D 65 10.42 -21.69 -11.79
N ILE D 66 10.26 -22.07 -10.52
CA ILE D 66 11.14 -21.62 -9.41
C ILE D 66 12.59 -22.01 -9.70
N LEU D 67 12.81 -23.27 -10.14
CA LEU D 67 14.17 -23.80 -10.46
C LEU D 67 14.78 -22.95 -11.58
N ILE D 68 14.03 -22.67 -12.66
CA ILE D 68 14.54 -21.82 -13.78
C ILE D 68 14.92 -20.44 -13.24
N ILE D 69 14.09 -19.86 -12.36
CA ILE D 69 14.33 -18.50 -11.78
C ILE D 69 15.59 -18.57 -10.91
N LEU D 70 15.63 -19.49 -9.95
CA LEU D 70 16.75 -19.61 -8.97
C LEU D 70 18.07 -19.84 -9.70
N PHE D 71 18.09 -20.64 -10.77
CA PHE D 71 19.35 -20.95 -11.51
C PHE D 71 19.84 -19.71 -12.26
N ASN D 72 18.94 -18.91 -12.85
CA ASN D 72 19.33 -17.68 -13.59
C ASN D 72 19.84 -16.65 -12.58
N MET D 73 19.26 -16.62 -11.38
CA MET D 73 19.65 -15.71 -10.26
C MET D 73 21.06 -16.09 -9.76
N ALA D 74 21.31 -17.39 -9.58
CA ALA D 74 22.63 -17.92 -9.17
C ALA D 74 23.67 -17.58 -10.24
N ALA D 75 23.30 -17.63 -11.53
CA ALA D 75 24.18 -17.28 -12.68
C ALA D 75 24.61 -15.82 -12.57
N GLU D 76 23.73 -14.93 -12.06
CA GLU D 76 23.92 -13.45 -12.07
C GLU D 76 25.00 -13.09 -11.05
N VAL D 77 25.23 -13.93 -10.04
CA VAL D 77 26.37 -13.79 -9.06
C VAL D 77 27.47 -14.84 -9.29
N HIS D 78 27.45 -15.47 -10.47
N HIS D 78 27.53 -15.51 -10.45
CA HIS D 78 28.37 -16.54 -10.95
CA HIS D 78 28.61 -16.47 -10.81
C HIS D 78 28.55 -17.60 -9.85
C HIS D 78 28.59 -17.66 -9.82
N PHE D 79 27.41 -18.07 -9.34
CA PHE D 79 27.25 -19.25 -8.44
C PHE D 79 28.07 -19.11 -7.15
N ASP D 80 28.37 -17.89 -6.71
CA ASP D 80 28.94 -17.66 -5.35
C ASP D 80 27.78 -17.71 -4.36
N PRO D 81 27.72 -18.71 -3.45
CA PRO D 81 26.54 -18.89 -2.60
C PRO D 81 26.38 -17.76 -1.54
N LEU D 82 27.48 -17.19 -1.06
CA LEU D 82 27.41 -16.11 -0.03
C LEU D 82 26.88 -14.82 -0.69
N GLN D 83 27.37 -14.49 -1.88
CA GLN D 83 26.88 -13.31 -2.63
C GLN D 83 25.40 -13.52 -2.98
N PHE D 84 25.00 -14.75 -3.32
CA PHE D 84 23.59 -15.12 -3.66
C PHE D 84 22.67 -14.73 -2.49
N PHE D 85 23.06 -15.05 -1.27
CA PHE D 85 22.26 -14.83 -0.04
C PHE D 85 22.22 -13.32 0.23
N ARG D 86 23.37 -12.66 0.08
CA ARG D 86 23.53 -11.19 0.26
C ARG D 86 22.62 -10.43 -0.72
N GLN D 87 22.74 -10.74 -2.01
CA GLN D 87 22.27 -9.90 -3.14
C GLN D 87 20.86 -10.33 -3.57
N PHE D 88 20.30 -11.34 -2.91
CA PHE D 88 19.07 -12.07 -3.33
C PHE D 88 17.98 -11.11 -3.83
N PHE D 89 17.59 -10.10 -3.04
CA PHE D 89 16.48 -9.16 -3.37
C PHE D 89 16.75 -8.43 -4.69
N TRP D 90 18.03 -8.22 -5.04
CA TRP D 90 18.49 -7.45 -6.23
C TRP D 90 18.56 -8.35 -7.46
N LEU D 91 18.55 -9.66 -7.25
CA LEU D 91 18.70 -10.66 -8.34
C LEU D 91 17.35 -10.83 -9.05
N GLY D 92 17.41 -11.10 -10.35
CA GLY D 92 16.20 -11.31 -11.16
C GLY D 92 16.45 -12.06 -12.46
N LEU D 93 15.33 -12.46 -13.06
CA LEU D 93 15.25 -13.10 -14.38
C LEU D 93 14.40 -12.16 -15.26
N TYR D 94 15.02 -11.61 -16.30
CA TYR D 94 14.53 -10.43 -17.03
C TYR D 94 13.93 -10.84 -18.36
N PRO D 95 12.89 -10.13 -18.83
CA PRO D 95 12.46 -10.27 -20.21
C PRO D 95 13.54 -9.67 -21.11
N PRO D 96 13.42 -9.84 -22.44
CA PRO D 96 14.39 -9.25 -23.38
C PRO D 96 14.60 -7.74 -23.20
N LYS D 97 15.85 -7.32 -23.27
CA LYS D 97 16.28 -5.91 -23.21
C LYS D 97 16.20 -5.30 -24.61
N ALA D 98 16.39 -6.10 -25.65
CA ALA D 98 16.34 -5.63 -27.05
C ALA D 98 14.94 -5.91 -27.60
N GLN D 99 14.63 -5.25 -28.72
CA GLN D 99 13.34 -5.37 -29.42
C GLN D 99 13.46 -6.51 -30.42
N TYR D 100 12.90 -7.67 -30.10
CA TYR D 100 12.74 -8.82 -31.02
C TYR D 100 11.27 -8.94 -31.43
N GLY D 101 10.47 -7.90 -31.16
CA GLY D 101 9.00 -7.91 -31.35
C GLY D 101 8.37 -9.09 -30.62
N MET D 102 7.52 -9.87 -31.30
CA MET D 102 6.93 -11.11 -30.75
C MET D 102 7.82 -12.32 -31.08
N GLY D 103 8.98 -12.08 -31.69
CA GLY D 103 10.01 -13.12 -31.95
C GLY D 103 10.40 -13.79 -30.65
N ILE D 104 10.48 -15.12 -30.64
CA ILE D 104 10.99 -15.89 -29.47
C ILE D 104 12.41 -15.40 -29.19
N PRO D 105 12.68 -14.84 -27.99
CA PRO D 105 13.99 -14.27 -27.71
C PRO D 105 15.00 -15.37 -27.44
N PRO D 106 16.31 -15.10 -27.66
CA PRO D 106 17.35 -16.04 -27.28
C PRO D 106 17.40 -16.26 -25.76
N LEU D 107 17.89 -17.42 -25.31
CA LEU D 107 17.97 -17.84 -23.88
C LEU D 107 18.62 -16.75 -23.03
N HIS D 108 19.74 -16.17 -23.48
CA HIS D 108 20.55 -15.21 -22.68
C HIS D 108 19.80 -13.89 -22.50
N ASP D 109 18.89 -13.54 -23.43
CA ASP D 109 18.15 -12.24 -23.40
C ASP D 109 16.63 -12.50 -23.54
N GLY D 110 16.05 -13.29 -22.63
CA GLY D 110 14.58 -13.38 -22.46
C GLY D 110 14.00 -14.78 -22.60
N GLY D 111 14.71 -15.74 -23.19
CA GLY D 111 14.17 -17.09 -23.47
C GLY D 111 13.83 -17.83 -22.19
N TRP D 112 14.74 -17.81 -21.21
CA TRP D 112 14.53 -18.40 -19.86
C TRP D 112 13.31 -17.75 -19.18
N TRP D 113 13.22 -16.43 -19.26
CA TRP D 113 12.10 -15.65 -18.68
C TRP D 113 10.79 -16.20 -19.26
N LEU D 114 10.74 -16.41 -20.56
CA LEU D 114 9.52 -16.85 -21.29
C LEU D 114 9.16 -18.28 -20.85
N MET D 115 10.18 -19.10 -20.58
CA MET D 115 9.99 -20.52 -20.17
C MET D 115 9.46 -20.54 -18.73
N ALA D 116 10.07 -19.76 -17.84
CA ALA D 116 9.63 -19.62 -16.43
C ALA D 116 8.16 -19.16 -16.39
N GLY D 117 7.76 -18.23 -17.28
CA GLY D 117 6.39 -17.72 -17.37
C GLY D 117 5.39 -18.79 -17.80
N LEU D 118 5.74 -19.59 -18.81
CA LEU D 118 4.91 -20.72 -19.31
C LEU D 118 4.61 -21.68 -18.16
N PHE D 119 5.64 -22.06 -17.41
CA PHE D 119 5.47 -23.04 -16.31
C PHE D 119 4.63 -22.40 -15.18
N MET D 120 4.84 -21.12 -14.88
CA MET D 120 4.01 -20.42 -13.86
C MET D 120 2.54 -20.48 -14.29
N THR D 121 2.25 -20.14 -15.55
CA THR D 121 0.86 -20.15 -16.11
C THR D 121 0.22 -21.55 -15.99
N LEU D 122 0.95 -22.62 -16.32
CA LEU D 122 0.43 -24.01 -16.26
C LEU D 122 0.18 -24.40 -14.80
N SER D 123 1.01 -23.92 -13.89
CA SER D 123 0.82 -24.04 -12.42
C SER D 123 -0.49 -23.39 -11.99
N LEU D 124 -0.73 -22.15 -12.44
CA LEU D 124 -1.93 -21.38 -12.01
C LEU D 124 -3.17 -22.08 -12.55
N GLY D 125 -3.14 -22.48 -13.83
CA GLY D 125 -4.27 -23.18 -14.49
C GLY D 125 -4.63 -24.47 -13.78
N SER D 126 -3.62 -25.27 -13.37
CA SER D 126 -3.76 -26.53 -12.60
C SER D 126 -4.41 -26.22 -11.24
N TRP D 127 -3.93 -25.19 -10.56
CA TRP D 127 -4.47 -24.83 -9.22
C TRP D 127 -5.92 -24.37 -9.37
N TRP D 128 -6.27 -23.73 -10.49
CA TRP D 128 -7.66 -23.29 -10.73
C TRP D 128 -8.58 -24.51 -10.81
N ILE D 129 -8.17 -25.55 -11.53
CA ILE D 129 -8.94 -26.82 -11.68
C ILE D 129 -9.16 -27.41 -10.28
N ARG D 130 -8.13 -27.39 -9.44
CA ARG D 130 -8.20 -27.84 -8.03
C ARG D 130 -9.27 -27.06 -7.27
N VAL D 131 -9.28 -25.73 -7.38
CA VAL D 131 -10.18 -24.83 -6.58
C VAL D 131 -11.62 -25.03 -7.05
N TYR D 132 -11.81 -25.17 -8.37
CA TYR D 132 -13.11 -25.41 -9.03
C TYR D 132 -13.62 -26.82 -8.68
N SER D 133 -12.80 -27.84 -8.89
CA SER D 133 -13.25 -29.25 -8.85
C SER D 133 -13.55 -29.64 -7.40
N ARG D 134 -12.72 -29.20 -6.45
CA ARG D 134 -12.98 -29.44 -5.01
C ARG D 134 -14.35 -28.88 -4.61
N ALA D 135 -14.75 -27.73 -5.15
CA ALA D 135 -16.07 -27.11 -4.85
C ALA D 135 -17.20 -28.03 -5.33
N ARG D 136 -17.06 -28.53 -6.57
CA ARG D 136 -18.05 -29.43 -7.23
C ARG D 136 -18.10 -30.77 -6.49
N ALA D 137 -16.96 -31.35 -6.10
CA ALA D 137 -16.87 -32.62 -5.35
C ALA D 137 -17.68 -32.54 -4.04
N LEU D 138 -17.75 -31.38 -3.39
CA LEU D 138 -18.39 -31.21 -2.06
C LEU D 138 -19.79 -30.59 -2.20
N GLY D 139 -20.31 -30.46 -3.40
CA GLY D 139 -21.66 -29.89 -3.61
C GLY D 139 -21.73 -28.41 -3.27
N LEU D 140 -20.66 -27.66 -3.54
CA LEU D 140 -20.57 -26.20 -3.27
C LEU D 140 -20.59 -25.46 -4.60
N GLY D 141 -21.09 -24.22 -4.58
CA GLY D 141 -21.00 -23.25 -5.69
C GLY D 141 -19.55 -22.99 -6.04
N THR D 142 -19.30 -22.40 -7.21
CA THR D 142 -17.96 -22.16 -7.78
C THR D 142 -17.57 -20.67 -7.67
N HIS D 143 -18.13 -19.94 -6.71
CA HIS D 143 -17.87 -18.48 -6.50
C HIS D 143 -16.37 -18.22 -6.31
N ILE D 144 -15.68 -19.05 -5.55
CA ILE D 144 -14.24 -18.85 -5.25
C ILE D 144 -13.48 -18.95 -6.57
N ALA D 145 -13.78 -19.97 -7.39
CA ALA D 145 -13.05 -20.23 -8.66
C ALA D 145 -13.17 -19.02 -9.59
N TRP D 146 -14.33 -18.37 -9.64
CA TRP D 146 -14.55 -17.21 -10.56
C TRP D 146 -13.81 -15.97 -10.04
N ASN D 147 -13.73 -15.79 -8.72
CA ASN D 147 -12.89 -14.73 -8.13
C ASN D 147 -11.43 -15.02 -8.50
N PHE D 148 -10.99 -16.27 -8.31
CA PHE D 148 -9.59 -16.68 -8.61
C PHE D 148 -9.29 -16.47 -10.10
N ALA D 149 -10.27 -16.70 -10.97
CA ALA D 149 -10.10 -16.61 -12.44
C ALA D 149 -9.76 -15.17 -12.83
N ALA D 150 -10.38 -14.18 -12.21
CA ALA D 150 -10.12 -12.73 -12.41
C ALA D 150 -8.68 -12.38 -11.98
N ALA D 151 -8.21 -12.91 -10.86
CA ALA D 151 -6.80 -12.76 -10.41
C ALA D 151 -5.86 -13.32 -11.48
N ILE D 152 -6.14 -14.53 -11.97
CA ILE D 152 -5.27 -15.19 -13.00
C ILE D 152 -5.30 -14.35 -14.29
N PHE D 153 -6.47 -13.87 -14.70
CA PHE D 153 -6.62 -13.07 -15.93
C PHE D 153 -5.73 -11.83 -15.82
N PHE D 154 -5.70 -11.18 -14.65
CA PHE D 154 -4.84 -9.99 -14.42
C PHE D 154 -3.36 -10.38 -14.63
N VAL D 155 -2.88 -11.48 -14.04
CA VAL D 155 -1.47 -11.94 -14.24
C VAL D 155 -1.23 -12.19 -15.74
N LEU D 156 -2.20 -12.76 -16.45
CA LEU D 156 -2.06 -13.01 -17.91
C LEU D 156 -1.94 -11.68 -18.64
N CYS D 157 -2.66 -10.65 -18.20
CA CYS D 157 -2.67 -9.31 -18.86
C CYS D 157 -1.26 -8.68 -18.77
N ILE D 158 -0.62 -8.70 -17.61
CA ILE D 158 0.69 -8.01 -17.42
C ILE D 158 1.83 -8.89 -17.94
N GLY D 159 1.64 -10.22 -17.94
CA GLY D 159 2.70 -11.18 -18.30
C GLY D 159 2.73 -11.52 -19.77
N CYS D 160 1.58 -11.50 -20.45
CA CYS D 160 1.37 -12.14 -21.77
C CYS D 160 0.49 -11.28 -22.72
N ILE D 161 -0.70 -10.87 -22.32
CA ILE D 161 -1.68 -10.27 -23.26
C ILE D 161 -1.21 -8.86 -23.64
N HIS D 162 -0.81 -8.01 -22.70
CA HIS D 162 -0.35 -6.63 -23.02
C HIS D 162 0.86 -6.69 -23.93
N PRO D 163 1.92 -7.46 -23.60
CA PRO D 163 3.08 -7.61 -24.50
C PRO D 163 2.70 -8.01 -25.93
N THR D 164 1.77 -8.96 -26.07
CA THR D 164 1.24 -9.45 -27.37
C THR D 164 0.54 -8.30 -28.10
N LEU D 165 -0.32 -7.54 -27.44
CA LEU D 165 -1.15 -6.49 -28.08
C LEU D 165 -0.27 -5.36 -28.61
N VAL D 166 0.86 -5.06 -27.97
CA VAL D 166 1.76 -3.95 -28.44
C VAL D 166 2.90 -4.57 -29.21
N GLY D 167 3.09 -5.88 -29.09
CA GLY D 167 3.98 -6.68 -29.95
C GLY D 167 5.40 -6.70 -29.46
N SER D 168 5.64 -6.72 -28.16
CA SER D 168 7.00 -6.80 -27.58
C SER D 168 7.01 -7.53 -26.23
N TRP D 169 7.85 -8.56 -26.12
CA TRP D 169 8.06 -9.34 -24.87
C TRP D 169 8.84 -8.48 -23.88
N SER D 170 9.47 -7.39 -24.32
CA SER D 170 10.27 -6.48 -23.47
C SER D 170 9.41 -5.84 -22.36
N GLU D 171 8.08 -5.84 -22.53
CA GLU D 171 7.12 -5.15 -21.65
C GLU D 171 6.71 -6.04 -20.47
N GLY D 172 7.14 -7.30 -20.46
CA GLY D 172 6.75 -8.26 -19.41
C GLY D 172 7.37 -7.91 -18.09
N VAL D 173 6.84 -8.50 -17.03
CA VAL D 173 7.29 -8.30 -15.62
C VAL D 173 8.47 -9.23 -15.34
N PRO D 174 9.61 -8.72 -14.85
CA PRO D 174 10.71 -9.56 -14.43
C PRO D 174 10.35 -10.44 -13.21
N PHE D 175 11.02 -11.57 -13.03
CA PHE D 175 10.97 -12.39 -11.80
C PHE D 175 12.08 -11.87 -10.88
N GLY D 176 11.75 -11.53 -9.64
CA GLY D 176 12.70 -11.05 -8.63
C GLY D 176 12.01 -10.12 -7.65
N ILE D 177 12.54 -9.98 -6.44
CA ILE D 177 11.91 -9.14 -5.38
C ILE D 177 11.92 -7.68 -5.85
N TRP D 178 13.10 -7.06 -5.95
CA TRP D 178 13.25 -5.65 -6.39
C TRP D 178 12.95 -5.51 -7.88
N PRO D 179 13.42 -6.41 -8.77
CA PRO D 179 13.11 -6.28 -10.20
C PRO D 179 11.61 -6.19 -10.57
N HIS D 180 10.73 -6.96 -9.95
CA HIS D 180 9.26 -6.89 -10.21
C HIS D 180 8.72 -5.54 -9.75
N ILE D 181 9.30 -4.97 -8.69
CA ILE D 181 8.92 -3.64 -8.13
C ILE D 181 9.40 -2.55 -9.11
N ASP D 182 10.65 -2.63 -9.58
CA ASP D 182 11.25 -1.64 -10.51
C ASP D 182 10.37 -1.53 -11.77
N TRP D 183 9.80 -2.64 -12.22
CA TRP D 183 8.90 -2.68 -13.41
C TRP D 183 7.72 -1.73 -13.20
N LEU D 184 7.16 -1.67 -11.99
CA LEU D 184 6.00 -0.80 -11.70
C LEU D 184 6.31 0.65 -12.11
N THR D 185 7.49 1.15 -11.78
CA THR D 185 7.88 2.55 -12.07
C THR D 185 8.18 2.69 -13.57
N ALA D 186 8.89 1.73 -14.16
CA ALA D 186 9.27 1.79 -15.59
C ALA D 186 8.01 1.87 -16.45
N PHE D 187 7.03 1.04 -16.11
CA PHE D 187 5.73 0.97 -16.80
C PHE D 187 4.94 2.27 -16.60
N SER D 188 4.80 2.73 -15.36
CA SER D 188 4.08 3.99 -15.03
C SER D 188 4.72 5.13 -15.84
N ILE D 189 6.05 5.21 -15.84
CA ILE D 189 6.79 6.27 -16.56
C ILE D 189 6.50 6.18 -18.06
N ARG D 190 6.67 4.99 -18.65
CA ARG D 190 6.50 4.79 -20.11
C ARG D 190 5.12 5.26 -20.54
N TYR D 191 4.10 5.08 -19.69
CA TYR D 191 2.68 5.31 -20.07
C TYR D 191 2.11 6.56 -19.39
N GLY D 192 2.96 7.49 -18.95
CA GLY D 192 2.53 8.85 -18.60
C GLY D 192 1.74 8.92 -17.31
N ASN D 193 2.15 8.16 -16.28
CA ASN D 193 1.71 8.33 -14.87
C ASN D 193 0.40 7.56 -14.65
N PHE D 194 0.50 6.37 -14.04
CA PHE D 194 -0.66 5.49 -13.76
C PHE D 194 -1.68 6.16 -12.82
N TYR D 195 -1.33 7.18 -12.04
CA TYR D 195 -2.33 7.95 -11.25
C TYR D 195 -3.41 8.51 -12.17
N TYR D 196 -3.08 8.77 -13.45
CA TYR D 196 -3.99 9.39 -14.44
C TYR D 196 -4.68 8.33 -15.31
N CYS D 197 -4.54 7.06 -14.97
CA CYS D 197 -5.30 5.96 -15.60
C CYS D 197 -6.56 5.72 -14.76
N PRO D 198 -7.77 5.99 -15.29
CA PRO D 198 -8.98 5.89 -14.49
C PRO D 198 -9.18 4.48 -13.90
N TRP D 199 -8.68 3.45 -14.59
CA TRP D 199 -8.80 2.03 -14.16
C TRP D 199 -7.88 1.73 -12.97
N HIS D 200 -6.74 2.41 -12.85
CA HIS D 200 -5.90 2.46 -11.63
C HIS D 200 -6.78 3.00 -10.48
N GLY D 201 -7.43 4.15 -10.68
CA GLY D 201 -8.40 4.75 -9.74
C GLY D 201 -9.46 3.75 -9.28
N PHE D 202 -10.19 3.14 -10.21
CA PHE D 202 -11.25 2.14 -9.90
C PHE D 202 -10.64 1.02 -9.06
N SER D 203 -9.52 0.48 -9.51
CA SER D 203 -8.87 -0.69 -8.88
C SER D 203 -8.53 -0.34 -7.42
N ILE D 204 -8.02 0.86 -7.19
CA ILE D 204 -7.62 1.37 -5.85
C ILE D 204 -8.90 1.58 -5.03
N GLY D 205 -9.92 2.16 -5.63
CA GLY D 205 -11.20 2.37 -4.93
C GLY D 205 -11.72 1.05 -4.35
N PHE D 206 -11.71 0.00 -5.16
CA PHE D 206 -12.19 -1.36 -4.79
C PHE D 206 -11.23 -1.98 -3.76
N ALA D 207 -9.92 -1.76 -3.90
CA ALA D 207 -8.92 -2.34 -2.96
C ALA D 207 -9.08 -1.67 -1.58
N TYR D 208 -9.11 -0.34 -1.55
CA TYR D 208 -9.39 0.43 -0.30
C TYR D 208 -10.75 -0.03 0.25
N GLY D 209 -11.72 -0.21 -0.65
CA GLY D 209 -13.08 -0.68 -0.33
C GLY D 209 -13.04 -2.03 0.34
N CYS D 210 -12.14 -2.93 -0.06
CA CYS D 210 -11.96 -4.27 0.55
C CYS D 210 -11.44 -4.10 1.99
N GLY D 211 -10.54 -3.16 2.22
CA GLY D 211 -10.08 -2.83 3.57
C GLY D 211 -11.22 -2.37 4.46
N LEU D 212 -11.99 -1.38 3.99
CA LEU D 212 -13.17 -0.82 4.72
C LEU D 212 -14.14 -1.97 5.03
N LEU D 213 -14.52 -2.73 4.01
CA LEU D 213 -15.57 -3.77 4.10
C LEU D 213 -15.13 -4.91 5.03
N PHE D 214 -13.88 -5.41 4.98
CA PHE D 214 -13.47 -6.55 5.82
C PHE D 214 -13.26 -6.07 7.25
N ALA D 215 -12.80 -4.83 7.45
CA ALA D 215 -12.72 -4.25 8.81
C ALA D 215 -14.13 -4.16 9.37
N ALA D 216 -15.05 -3.55 8.64
CA ALA D 216 -16.45 -3.38 9.07
C ALA D 216 -17.10 -4.74 9.33
N HIS D 217 -16.95 -5.69 8.39
CA HIS D 217 -17.65 -7.00 8.45
C HIS D 217 -17.02 -7.84 9.58
N GLY D 218 -15.68 -7.90 9.62
CA GLY D 218 -14.96 -8.60 10.69
C GLY D 218 -15.38 -8.07 12.06
N ALA D 219 -15.32 -6.76 12.24
CA ALA D 219 -15.73 -6.08 13.49
C ALA D 219 -17.22 -6.35 13.81
N THR D 220 -18.11 -6.29 12.82
CA THR D 220 -19.58 -6.49 13.03
C THR D 220 -19.84 -7.91 13.59
N ILE D 221 -19.20 -8.94 13.04
CA ILE D 221 -19.44 -10.34 13.45
C ILE D 221 -18.87 -10.61 14.84
N LEU D 222 -17.70 -10.05 15.20
CA LEU D 222 -17.14 -10.15 16.58
C LEU D 222 -18.08 -9.43 17.55
N ALA D 223 -18.64 -8.31 17.13
CA ALA D 223 -19.59 -7.50 17.94
C ALA D 223 -20.86 -8.31 18.27
N VAL D 224 -21.19 -9.34 17.49
CA VAL D 224 -22.42 -10.18 17.71
C VAL D 224 -22.05 -11.66 17.85
N ALA D 225 -20.81 -11.99 18.22
CA ALA D 225 -20.36 -13.37 18.50
C ALA D 225 -21.08 -13.94 19.73
N ARG D 226 -21.46 -13.09 20.68
CA ARG D 226 -22.29 -13.44 21.86
C ARG D 226 -23.60 -14.12 21.43
N PHE D 227 -24.10 -13.80 20.22
CA PHE D 227 -25.41 -14.27 19.71
C PHE D 227 -25.22 -15.32 18.60
N GLY D 228 -24.02 -15.86 18.49
CA GLY D 228 -23.59 -16.79 17.41
C GLY D 228 -23.58 -16.17 16.01
N GLY D 229 -23.16 -14.90 15.86
CA GLY D 229 -23.06 -14.22 14.55
C GLY D 229 -22.14 -14.94 13.58
N ASP D 230 -21.12 -15.64 14.10
CA ASP D 230 -20.12 -16.40 13.30
C ASP D 230 -20.81 -17.55 12.54
N ARG D 231 -21.97 -18.03 12.98
CA ARG D 231 -22.67 -19.15 12.32
C ARG D 231 -23.50 -18.58 11.16
N GLU D 232 -22.81 -18.02 10.16
CA GLU D 232 -23.39 -17.17 9.09
C GLU D 232 -24.38 -18.00 8.25
N ILE D 233 -24.15 -19.31 8.04
CA ILE D 233 -25.01 -20.15 7.16
C ILE D 233 -26.44 -20.20 7.70
N GLU D 234 -26.60 -20.56 8.97
CA GLU D 234 -27.94 -20.78 9.57
C GLU D 234 -28.57 -19.43 9.88
N GLN D 235 -27.79 -18.36 9.98
CA GLN D 235 -28.33 -16.97 10.10
C GLN D 235 -28.93 -16.53 8.77
N ILE D 236 -28.44 -17.09 7.65
CA ILE D 236 -29.01 -16.84 6.30
C ILE D 236 -30.38 -17.52 6.20
N THR D 237 -30.45 -18.80 6.59
CA THR D 237 -31.66 -19.66 6.41
C THR D 237 -32.68 -19.37 7.52
N ASP D 238 -32.22 -18.85 8.67
CA ASP D 238 -33.10 -18.59 9.85
C ASP D 238 -32.55 -17.38 10.60
N ARG D 239 -32.93 -16.17 10.20
CA ARG D 239 -32.46 -14.87 10.79
C ARG D 239 -32.56 -14.92 12.33
N GLY D 240 -31.43 -14.76 13.01
CA GLY D 240 -31.33 -14.61 14.49
C GLY D 240 -31.08 -13.18 14.89
N THR D 241 -31.09 -12.89 16.19
CA THR D 241 -30.89 -11.54 16.75
C THR D 241 -29.49 -11.03 16.37
N ALA D 242 -28.50 -11.93 16.22
CA ALA D 242 -27.13 -11.59 15.78
C ALA D 242 -27.19 -10.67 14.56
N VAL D 243 -27.87 -11.09 13.50
CA VAL D 243 -27.85 -10.37 12.19
C VAL D 243 -28.95 -9.31 12.16
N GLU D 244 -29.96 -9.41 13.02
CA GLU D 244 -30.95 -8.31 13.21
C GLU D 244 -30.21 -7.13 13.83
N ARG D 245 -29.44 -7.37 14.90
CA ARG D 245 -28.64 -6.32 15.57
C ARG D 245 -27.59 -5.77 14.60
N ALA D 246 -26.91 -6.64 13.85
CA ALA D 246 -25.89 -6.26 12.85
C ALA D 246 -26.54 -5.35 11.80
N ALA D 247 -27.67 -5.74 11.22
CA ALA D 247 -28.39 -4.92 10.22
C ALA D 247 -28.77 -3.55 10.83
N LEU D 248 -29.30 -3.54 12.05
CA LEU D 248 -29.82 -2.27 12.66
C LEU D 248 -28.66 -1.33 13.03
N PHE D 249 -27.56 -1.89 13.52
CA PHE D 249 -26.32 -1.12 13.78
C PHE D 249 -26.01 -0.27 12.53
N TRP D 250 -25.97 -0.92 11.36
CA TRP D 250 -25.59 -0.24 10.10
C TRP D 250 -26.73 0.65 9.61
N ARG D 251 -27.98 0.21 9.73
CA ARG D 251 -29.13 1.03 9.28
C ARG D 251 -29.13 2.34 10.08
N TRP D 252 -28.88 2.27 11.39
CA TRP D 252 -28.98 3.45 12.30
C TRP D 252 -27.78 4.38 12.10
N THR D 253 -26.64 3.83 11.69
CA THR D 253 -25.38 4.56 11.45
C THR D 253 -25.46 5.28 10.09
N ILE D 254 -25.62 4.54 8.98
CA ILE D 254 -25.47 5.08 7.59
C ILE D 254 -26.82 5.19 6.86
N GLY D 255 -27.91 4.65 7.41
CA GLY D 255 -29.27 4.86 6.87
C GLY D 255 -29.75 3.75 5.95
N PHE D 256 -28.96 2.70 5.76
CA PHE D 256 -29.32 1.52 4.92
C PHE D 256 -28.46 0.36 5.41
N ASN D 257 -28.76 -0.85 4.97
CA ASN D 257 -28.09 -2.07 5.48
C ASN D 257 -28.18 -3.19 4.45
N ALA D 258 -27.32 -4.18 4.61
CA ALA D 258 -27.29 -5.44 3.86
C ALA D 258 -28.01 -6.51 4.70
N THR D 259 -28.01 -7.75 4.20
CA THR D 259 -28.38 -8.96 4.96
C THR D 259 -27.09 -9.69 5.26
N ILE D 260 -27.12 -10.73 6.06
CA ILE D 260 -25.88 -11.49 6.37
C ILE D 260 -25.40 -12.18 5.09
N GLU D 261 -26.32 -12.54 4.18
CA GLU D 261 -25.95 -13.09 2.86
C GLU D 261 -25.38 -11.98 1.97
N SER D 262 -26.08 -10.86 1.79
CA SER D 262 -25.77 -9.87 0.72
C SER D 262 -24.43 -9.20 1.00
N VAL D 263 -24.06 -8.99 2.27
CA VAL D 263 -22.75 -8.36 2.61
C VAL D 263 -21.61 -9.22 2.04
N HIS D 264 -21.77 -10.54 1.96
CA HIS D 264 -20.75 -11.44 1.36
C HIS D 264 -20.73 -11.22 -0.17
N ARG D 265 -21.87 -10.87 -0.78
CA ARG D 265 -21.91 -10.50 -2.22
C ARG D 265 -21.17 -9.18 -2.44
N TRP D 266 -21.37 -8.17 -1.58
CA TRP D 266 -20.62 -6.90 -1.62
C TRP D 266 -19.12 -7.20 -1.56
N GLY D 267 -18.72 -8.06 -0.61
CA GLY D 267 -17.31 -8.45 -0.40
C GLY D 267 -16.73 -9.09 -1.65
N TRP D 268 -17.44 -10.08 -2.16
CA TRP D 268 -17.04 -10.85 -3.35
C TRP D 268 -16.94 -9.91 -4.58
N PHE D 269 -17.90 -9.01 -4.77
CA PHE D 269 -17.92 -8.06 -5.91
C PHE D 269 -16.72 -7.10 -5.85
N PHE D 270 -16.47 -6.51 -4.69
CA PHE D 270 -15.39 -5.54 -4.46
C PHE D 270 -14.03 -6.21 -4.75
N SER D 271 -13.84 -7.42 -4.26
CA SER D 271 -12.60 -8.21 -4.45
C SER D 271 -12.41 -8.46 -5.95
N LEU D 272 -13.43 -9.02 -6.61
CA LEU D 272 -13.43 -9.30 -8.06
C LEU D 272 -13.09 -8.04 -8.85
N MET D 273 -13.68 -6.89 -8.50
CA MET D 273 -13.59 -5.64 -9.30
C MET D 273 -12.19 -5.01 -9.15
N VAL D 274 -11.41 -5.34 -8.12
CA VAL D 274 -9.98 -4.94 -8.02
C VAL D 274 -9.28 -5.47 -9.28
N MET D 275 -9.52 -6.75 -9.60
CA MET D 275 -8.77 -7.49 -10.63
C MET D 275 -9.36 -7.16 -12.01
N VAL D 276 -10.68 -7.06 -12.12
CA VAL D 276 -11.36 -6.72 -13.40
C VAL D 276 -10.95 -5.29 -13.83
N SER D 277 -11.03 -4.32 -12.92
CA SER D 277 -10.68 -2.91 -13.22
C SER D 277 -9.20 -2.83 -13.63
N ALA D 278 -8.30 -3.52 -12.93
CA ALA D 278 -6.84 -3.51 -13.21
C ALA D 278 -6.59 -4.06 -14.62
N SER D 279 -7.23 -5.18 -14.95
CA SER D 279 -7.15 -5.88 -16.27
C SER D 279 -7.57 -4.93 -17.40
N VAL D 280 -8.71 -4.24 -17.26
CA VAL D 280 -9.22 -3.33 -18.32
C VAL D 280 -8.18 -2.22 -18.54
N GLY D 281 -7.60 -1.70 -17.47
CA GLY D 281 -6.58 -0.64 -17.50
C GLY D 281 -5.34 -1.06 -18.27
N ILE D 282 -4.84 -2.27 -18.02
CA ILE D 282 -3.66 -2.83 -18.72
C ILE D 282 -4.04 -3.08 -20.19
N LEU D 283 -5.24 -3.60 -20.46
CA LEU D 283 -5.61 -3.90 -21.87
C LEU D 283 -5.61 -2.59 -22.69
N LEU D 284 -6.01 -1.47 -22.10
CA LEU D 284 -6.10 -0.16 -22.80
C LEU D 284 -4.72 0.48 -22.92
N THR D 285 -3.78 0.12 -22.07
CA THR D 285 -2.46 0.81 -22.00
C THR D 285 -1.58 0.33 -23.15
N GLY D 286 -1.12 1.26 -23.99
CA GLY D 286 -0.23 0.98 -25.13
C GLY D 286 -1.01 0.66 -26.38
N THR D 287 -2.07 -0.13 -26.25
CA THR D 287 -3.03 -0.43 -27.33
C THR D 287 -3.70 0.87 -27.79
N PHE D 288 -4.38 1.59 -26.89
CA PHE D 288 -5.30 2.71 -27.24
C PHE D 288 -4.96 4.01 -26.51
N VAL D 289 -4.03 3.96 -25.54
CA VAL D 289 -3.53 5.14 -24.79
C VAL D 289 -2.02 4.98 -24.60
N ASP D 290 -1.27 6.02 -24.99
CA ASP D 290 0.21 6.05 -24.89
C ASP D 290 0.65 6.84 -23.65
N ASN D 291 -0.14 7.82 -23.23
CA ASN D 291 0.26 8.72 -22.11
C ASN D 291 -1.00 9.10 -21.34
N TRP D 292 -1.20 8.54 -20.14
CA TRP D 292 -2.47 8.71 -19.39
C TRP D 292 -2.64 10.18 -18.98
N TYR D 293 -1.57 10.84 -18.55
CA TYR D 293 -1.62 12.26 -18.15
C TYR D 293 -2.11 13.12 -19.32
N LEU D 294 -1.55 12.96 -20.52
CA LEU D 294 -1.94 13.74 -21.73
C LEU D 294 -3.35 13.34 -22.18
N TRP D 295 -3.78 12.10 -21.92
CA TRP D 295 -5.17 11.65 -22.20
C TRP D 295 -6.15 12.43 -21.31
N CYS D 296 -5.81 12.59 -20.04
CA CYS D 296 -6.62 13.40 -19.08
C CYS D 296 -6.65 14.88 -19.50
N VAL D 297 -5.51 15.42 -19.94
CA VAL D 297 -5.41 16.81 -20.45
C VAL D 297 -6.36 16.95 -21.64
N LYS D 298 -6.29 16.03 -22.60
CA LYS D 298 -7.15 16.02 -23.82
C LYS D 298 -8.64 16.05 -23.42
N HIS D 299 -9.05 15.39 -22.34
CA HIS D 299 -10.46 15.31 -21.89
C HIS D 299 -10.75 16.33 -20.78
N GLY D 300 -9.82 17.25 -20.50
CA GLY D 300 -10.01 18.37 -19.57
C GLY D 300 -10.04 17.96 -18.10
N ALA D 301 -9.50 16.77 -17.76
CA ALA D 301 -9.60 16.14 -16.43
C ALA D 301 -8.33 16.32 -15.57
N ALA D 302 -7.26 16.94 -16.07
CA ALA D 302 -5.96 17.06 -15.36
C ALA D 302 -5.89 18.41 -14.67
N PRO D 303 -5.57 18.46 -13.36
CA PRO D 303 -5.41 19.73 -12.66
C PRO D 303 -4.13 20.46 -13.08
N ASP D 304 -4.14 21.78 -12.88
CA ASP D 304 -2.98 22.68 -13.11
C ASP D 304 -2.71 23.42 -11.80
N TYR D 305 -1.50 23.92 -11.62
CA TYR D 305 -1.09 24.61 -10.37
C TYR D 305 -0.34 25.88 -10.73
N PRO D 306 -0.42 26.93 -9.91
CA PRO D 306 0.43 28.10 -10.09
C PRO D 306 1.91 27.67 -10.11
N ALA D 307 2.73 28.50 -10.74
CA ALA D 307 4.20 28.47 -10.63
C ALA D 307 4.57 28.76 -9.17
N TYR D 308 5.70 28.23 -8.71
CA TYR D 308 6.32 28.63 -7.42
C TYR D 308 7.73 29.14 -7.71
N LEU D 309 8.60 28.28 -8.22
CA LEU D 309 9.81 28.71 -8.95
C LEU D 309 9.35 29.02 -10.38
N PRO D 310 10.06 29.87 -11.14
CA PRO D 310 9.59 30.27 -12.47
C PRO D 310 9.30 29.08 -13.39
N ALA D 311 8.29 29.22 -14.25
CA ALA D 311 8.07 28.29 -15.37
C ALA D 311 9.38 28.19 -16.16
N THR D 312 9.70 26.98 -16.61
CA THR D 312 11.00 26.65 -17.22
C THR D 312 10.75 26.12 -18.62
N PRO D 313 11.08 26.89 -19.66
CA PRO D 313 10.89 26.41 -21.02
C PRO D 313 11.80 25.21 -21.31
N ASP D 314 11.36 24.35 -22.20
CA ASP D 314 12.13 23.21 -22.74
C ASP D 314 13.36 23.78 -23.46
N PRO D 315 14.59 23.51 -22.96
CA PRO D 315 15.81 23.99 -23.62
C PRO D 315 15.97 23.49 -25.06
N ALA D 316 15.49 22.29 -25.35
CA ALA D 316 15.54 21.64 -26.67
C ALA D 316 14.79 22.47 -27.71
N SER D 317 13.84 23.30 -27.27
CA SER D 317 12.95 24.14 -28.12
C SER D 317 13.55 25.54 -28.35
N LEU D 318 14.60 25.94 -27.61
CA LEU D 318 15.22 27.29 -27.72
C LEU D 318 15.96 27.37 -29.04
N PRO D 319 16.05 28.56 -29.68
CA PRO D 319 16.86 28.71 -30.90
C PRO D 319 18.35 28.51 -30.61
N GLY D 320 19.03 27.73 -31.45
CA GLY D 320 20.48 27.46 -31.38
C GLY D 320 20.84 26.40 -30.33
N ALA D 321 19.84 25.69 -29.81
CA ALA D 321 20.04 24.63 -28.78
C ALA D 321 20.65 23.41 -29.46
N PRO D 322 21.62 22.73 -28.83
CA PRO D 322 22.14 21.47 -29.37
C PRO D 322 21.10 20.36 -29.22
N LYS D 323 21.32 19.22 -29.88
CA LYS D 323 20.47 18.01 -29.74
C LYS D 323 20.65 17.43 -28.32
#